data_5U6Z
# 
_entry.id   5U6Z 
# 
_audit_conform.dict_name       mmcif_pdbx.dic 
_audit_conform.dict_version    5.387 
_audit_conform.dict_location   http://mmcif.pdb.org/dictionaries/ascii/mmcif_pdbx.dic 
# 
loop_
_database_2.database_id 
_database_2.database_code 
_database_2.pdbx_database_accession 
_database_2.pdbx_DOI 
PDB   5U6Z         pdb_00005u6z 10.2210/pdb5u6z/pdb 
WWPDB D_1000225422 ?            ?                   
# 
loop_
_pdbx_audit_revision_history.ordinal 
_pdbx_audit_revision_history.data_content_type 
_pdbx_audit_revision_history.major_revision 
_pdbx_audit_revision_history.minor_revision 
_pdbx_audit_revision_history.revision_date 
1 'Structure model' 1 0 2017-01-11 
2 'Structure model' 1 1 2017-01-25 
3 'Structure model' 1 2 2024-03-06 
# 
_pdbx_audit_revision_details.ordinal             1 
_pdbx_audit_revision_details.revision_ordinal    1 
_pdbx_audit_revision_details.data_content_type   'Structure model' 
_pdbx_audit_revision_details.provider            repository 
_pdbx_audit_revision_details.type                'Initial release' 
_pdbx_audit_revision_details.description         ? 
_pdbx_audit_revision_details.details             ? 
# 
loop_
_pdbx_audit_revision_group.ordinal 
_pdbx_audit_revision_group.revision_ordinal 
_pdbx_audit_revision_group.data_content_type 
_pdbx_audit_revision_group.group 
1 2 'Structure model' 'Database references' 
2 3 'Structure model' 'Data collection'     
3 3 'Structure model' 'Database references' 
# 
loop_
_pdbx_audit_revision_category.ordinal 
_pdbx_audit_revision_category.revision_ordinal 
_pdbx_audit_revision_category.data_content_type 
_pdbx_audit_revision_category.category 
1 3 'Structure model' chem_comp_atom 
2 3 'Structure model' chem_comp_bond 
3 3 'Structure model' database_2     
# 
loop_
_pdbx_audit_revision_item.ordinal 
_pdbx_audit_revision_item.revision_ordinal 
_pdbx_audit_revision_item.data_content_type 
_pdbx_audit_revision_item.item 
1 3 'Structure model' '_database_2.pdbx_DOI'                
2 3 'Structure model' '_database_2.pdbx_database_accession' 
# 
_pdbx_database_status.status_code                     REL 
_pdbx_database_status.status_code_sf                  REL 
_pdbx_database_status.status_code_mr                  ? 
_pdbx_database_status.entry_id                        5U6Z 
_pdbx_database_status.recvd_initial_deposition_date   2016-12-09 
_pdbx_database_status.SG_entry                        N 
_pdbx_database_status.deposit_site                    RCSB 
_pdbx_database_status.process_site                    RCSB 
_pdbx_database_status.status_code_cs                  ? 
_pdbx_database_status.methods_development_category    ? 
_pdbx_database_status.pdb_format_compatible           Y 
_pdbx_database_status.status_code_nmr_data            ? 
# 
loop_
_audit_author.name 
_audit_author.pdbx_ordinal 
'Wallace, B.D.'  1 
'Williams, R.S.' 2 
# 
_citation.abstract                  ? 
_citation.abstract_id_CAS           ? 
_citation.book_id_ISBN              ? 
_citation.book_publisher            ? 
_citation.book_publisher_city       ? 
_citation.book_title                ? 
_citation.coordinate_linkage        ? 
_citation.country                   US 
_citation.database_id_Medline       ? 
_citation.details                   ? 
_citation.id                        primary 
_citation.journal_abbrev            'Proc. Natl. Acad. Sci. U.S.A.' 
_citation.journal_id_ASTM           PNASA6 
_citation.journal_id_CSD            0040 
_citation.journal_id_ISSN           1091-6490 
_citation.journal_full              ? 
_citation.journal_issue             ? 
_citation.journal_volume            114 
_citation.language                  ? 
_citation.page_first                304 
_citation.page_last                 309 
_citation.title                     
;APE2 Zf-GRF facilitates 3'-5' resection of DNA damage following oxidative stress.
;
_citation.year                      2017 
_citation.database_id_CSD           ? 
_citation.pdbx_database_id_DOI      10.1073/pnas.1610011114 
_citation.pdbx_database_id_PubMed   28028224 
_citation.unpublished_flag          ? 
# 
loop_
_citation_author.citation_id 
_citation_author.name 
_citation_author.ordinal 
_citation_author.identifier_ORCID 
primary 'Wallace, B.D.'   1  ? 
primary 'Berman, Z.'      2  ? 
primary 'Mueller, G.A.'   3  ? 
primary 'Lin, Y.'         4  ? 
primary 'Chang, T.'       5  ? 
primary 'Andres, S.N.'    6  ? 
primary 'Wojtaszek, J.L.' 7  ? 
primary 'DeRose, E.F.'    8  ? 
primary 'Appel, C.D.'     9  ? 
primary 'London, R.E.'    10 ? 
primary 'Yan, S.'         11 ? 
primary 'Williams, R.S.'  12 ? 
# 
loop_
_entity.id 
_entity.type 
_entity.src_method 
_entity.pdbx_description 
_entity.formula_weight 
_entity.pdbx_number_of_molecules 
_entity.pdbx_ec 
_entity.pdbx_mutation 
_entity.pdbx_fragment 
_entity.details 
1 polymer     man 'DNA-(apurinic or apyrimidinic site) lyase' 8272.509 1  4.2.99.18 ? 'residues 446-517' ? 
2 non-polymer syn 'ZINC ION'                                  65.409   1  ?         ? ?                  ? 
3 non-polymer syn 'SULFATE ION'                               96.063   1  ?         ? ?                  ? 
4 water       nat water                                       18.015   18 ?         ? ?                  ? 
# 
_entity_poly.entity_id                      1 
_entity_poly.type                           'polypeptide(L)' 
_entity_poly.nstd_linkage                   no 
_entity_poly.nstd_monomer                   no 
_entity_poly.pdbx_seq_one_letter_code       SNAQTAFWKSLLKGPPPPPNCKGHSEPCVLRTVKKAGPNCGRQFYVCARPEGHSSNPQARCNFFLWLTKKAGCED 
_entity_poly.pdbx_seq_one_letter_code_can   SNAQTAFWKSLLKGPPPPPNCKGHSEPCVLRTVKKAGPNCGRQFYVCARPEGHSSNPQARCNFFLWLTKKAGCED 
_entity_poly.pdbx_strand_id                 A 
_entity_poly.pdbx_target_identifier         ? 
# 
loop_
_pdbx_entity_nonpoly.entity_id 
_pdbx_entity_nonpoly.name 
_pdbx_entity_nonpoly.comp_id 
2 'ZINC ION'    ZN  
3 'SULFATE ION' SO4 
4 water         HOH 
# 
loop_
_entity_poly_seq.entity_id 
_entity_poly_seq.num 
_entity_poly_seq.mon_id 
_entity_poly_seq.hetero 
1 1  SER n 
1 2  ASN n 
1 3  ALA n 
1 4  GLN n 
1 5  THR n 
1 6  ALA n 
1 7  PHE n 
1 8  TRP n 
1 9  LYS n 
1 10 SER n 
1 11 LEU n 
1 12 LEU n 
1 13 LYS n 
1 14 GLY n 
1 15 PRO n 
1 16 PRO n 
1 17 PRO n 
1 18 PRO n 
1 19 PRO n 
1 20 ASN n 
1 21 CYS n 
1 22 LYS n 
1 23 GLY n 
1 24 HIS n 
1 25 SER n 
1 26 GLU n 
1 27 PRO n 
1 28 CYS n 
1 29 VAL n 
1 30 LEU n 
1 31 ARG n 
1 32 THR n 
1 33 VAL n 
1 34 LYS n 
1 35 LYS n 
1 36 ALA n 
1 37 GLY n 
1 38 PRO n 
1 39 ASN n 
1 40 CYS n 
1 41 GLY n 
1 42 ARG n 
1 43 GLN n 
1 44 PHE n 
1 45 TYR n 
1 46 VAL n 
1 47 CYS n 
1 48 ALA n 
1 49 ARG n 
1 50 PRO n 
1 51 GLU n 
1 52 GLY n 
1 53 HIS n 
1 54 SER n 
1 55 SER n 
1 56 ASN n 
1 57 PRO n 
1 58 GLN n 
1 59 ALA n 
1 60 ARG n 
1 61 CYS n 
1 62 ASN n 
1 63 PHE n 
1 64 PHE n 
1 65 LEU n 
1 66 TRP n 
1 67 LEU n 
1 68 THR n 
1 69 LYS n 
1 70 LYS n 
1 71 ALA n 
1 72 GLY n 
1 73 CYS n 
1 74 GLU n 
1 75 ASP n 
# 
_entity_src_gen.entity_id                          1 
_entity_src_gen.pdbx_src_id                        1 
_entity_src_gen.pdbx_alt_source_flag               sample 
_entity_src_gen.pdbx_seq_type                      'Biological sequence' 
_entity_src_gen.pdbx_beg_seq_num                   1 
_entity_src_gen.pdbx_end_seq_num                   75 
_entity_src_gen.gene_src_common_name               'African clawed frog' 
_entity_src_gen.gene_src_genus                     ? 
_entity_src_gen.pdbx_gene_src_gene                 'apex2, apex2-prov' 
_entity_src_gen.gene_src_species                   ? 
_entity_src_gen.gene_src_strain                    ? 
_entity_src_gen.gene_src_tissue                    ? 
_entity_src_gen.gene_src_tissue_fraction           ? 
_entity_src_gen.gene_src_details                   ? 
_entity_src_gen.pdbx_gene_src_fragment             ? 
_entity_src_gen.pdbx_gene_src_scientific_name      'Xenopus laevis' 
_entity_src_gen.pdbx_gene_src_ncbi_taxonomy_id     8355 
_entity_src_gen.pdbx_gene_src_variant              ? 
_entity_src_gen.pdbx_gene_src_cell_line            ? 
_entity_src_gen.pdbx_gene_src_atcc                 ? 
_entity_src_gen.pdbx_gene_src_organ                ? 
_entity_src_gen.pdbx_gene_src_organelle            ? 
_entity_src_gen.pdbx_gene_src_cell                 ? 
_entity_src_gen.pdbx_gene_src_cellular_location    ? 
_entity_src_gen.host_org_common_name               ? 
_entity_src_gen.pdbx_host_org_scientific_name      'Escherichia coli' 
_entity_src_gen.pdbx_host_org_ncbi_taxonomy_id     562 
_entity_src_gen.host_org_genus                     ? 
_entity_src_gen.pdbx_host_org_gene                 ? 
_entity_src_gen.pdbx_host_org_organ                ? 
_entity_src_gen.host_org_species                   ? 
_entity_src_gen.pdbx_host_org_tissue               ? 
_entity_src_gen.pdbx_host_org_tissue_fraction      ? 
_entity_src_gen.pdbx_host_org_strain               ? 
_entity_src_gen.pdbx_host_org_variant              ? 
_entity_src_gen.pdbx_host_org_cell_line            ? 
_entity_src_gen.pdbx_host_org_atcc                 ? 
_entity_src_gen.pdbx_host_org_culture_collection   ? 
_entity_src_gen.pdbx_host_org_cell                 ? 
_entity_src_gen.pdbx_host_org_organelle            ? 
_entity_src_gen.pdbx_host_org_cellular_location    ? 
_entity_src_gen.pdbx_host_org_vector_type          ? 
_entity_src_gen.pdbx_host_org_vector               ? 
_entity_src_gen.host_org_details                   ? 
_entity_src_gen.expression_system_id               ? 
_entity_src_gen.plasmid_name                       ? 
_entity_src_gen.plasmid_details                    ? 
_entity_src_gen.pdbx_description                   ? 
# 
loop_
_chem_comp.id 
_chem_comp.type 
_chem_comp.mon_nstd_flag 
_chem_comp.name 
_chem_comp.pdbx_synonyms 
_chem_comp.formula 
_chem_comp.formula_weight 
ALA 'L-peptide linking' y ALANINE         ? 'C3 H7 N O2'     89.093  
ARG 'L-peptide linking' y ARGININE        ? 'C6 H15 N4 O2 1' 175.209 
ASN 'L-peptide linking' y ASPARAGINE      ? 'C4 H8 N2 O3'    132.118 
ASP 'L-peptide linking' y 'ASPARTIC ACID' ? 'C4 H7 N O4'     133.103 
CYS 'L-peptide linking' y CYSTEINE        ? 'C3 H7 N O2 S'   121.158 
GLN 'L-peptide linking' y GLUTAMINE       ? 'C5 H10 N2 O3'   146.144 
GLU 'L-peptide linking' y 'GLUTAMIC ACID' ? 'C5 H9 N O4'     147.129 
GLY 'peptide linking'   y GLYCINE         ? 'C2 H5 N O2'     75.067  
HIS 'L-peptide linking' y HISTIDINE       ? 'C6 H10 N3 O2 1' 156.162 
HOH non-polymer         . WATER           ? 'H2 O'           18.015  
LEU 'L-peptide linking' y LEUCINE         ? 'C6 H13 N O2'    131.173 
LYS 'L-peptide linking' y LYSINE          ? 'C6 H15 N2 O2 1' 147.195 
PHE 'L-peptide linking' y PHENYLALANINE   ? 'C9 H11 N O2'    165.189 
PRO 'L-peptide linking' y PROLINE         ? 'C5 H9 N O2'     115.130 
SER 'L-peptide linking' y SERINE          ? 'C3 H7 N O3'     105.093 
SO4 non-polymer         . 'SULFATE ION'   ? 'O4 S -2'        96.063  
THR 'L-peptide linking' y THREONINE       ? 'C4 H9 N O3'     119.119 
TRP 'L-peptide linking' y TRYPTOPHAN      ? 'C11 H12 N2 O2'  204.225 
TYR 'L-peptide linking' y TYROSINE        ? 'C9 H11 N O3'    181.189 
VAL 'L-peptide linking' y VALINE          ? 'C5 H11 N O2'    117.146 
ZN  non-polymer         . 'ZINC ION'      ? 'Zn 2'           65.409  
# 
loop_
_pdbx_poly_seq_scheme.asym_id 
_pdbx_poly_seq_scheme.entity_id 
_pdbx_poly_seq_scheme.seq_id 
_pdbx_poly_seq_scheme.mon_id 
_pdbx_poly_seq_scheme.ndb_seq_num 
_pdbx_poly_seq_scheme.pdb_seq_num 
_pdbx_poly_seq_scheme.auth_seq_num 
_pdbx_poly_seq_scheme.pdb_mon_id 
_pdbx_poly_seq_scheme.auth_mon_id 
_pdbx_poly_seq_scheme.pdb_strand_id 
_pdbx_poly_seq_scheme.pdb_ins_code 
_pdbx_poly_seq_scheme.hetero 
A 1 1  SER 1  1  ?  ?   ?   A . n 
A 1 2  ASN 2  2  2  ASN ASN A . n 
A 1 3  ALA 3  3  3  ALA ALA A . n 
A 1 4  GLN 4  4  4  GLN GLN A . n 
A 1 5  THR 5  5  5  THR THR A . n 
A 1 6  ALA 6  6  6  ALA ALA A . n 
A 1 7  PHE 7  7  7  PHE PHE A . n 
A 1 8  TRP 8  8  8  TRP TRP A . n 
A 1 9  LYS 9  9  9  LYS LYS A . n 
A 1 10 SER 10 10 10 SER SER A . n 
A 1 11 LEU 11 11 11 LEU LEU A . n 
A 1 12 LEU 12 12 12 LEU LEU A . n 
A 1 13 LYS 13 13 13 LYS LYS A . n 
A 1 14 GLY 14 14 14 GLY GLY A . n 
A 1 15 PRO 15 15 15 PRO PRO A . n 
A 1 16 PRO 16 16 16 PRO PRO A . n 
A 1 17 PRO 17 17 17 PRO PRO A . n 
A 1 18 PRO 18 18 18 PRO PRO A . n 
A 1 19 PRO 19 19 19 PRO PRO A . n 
A 1 20 ASN 20 20 20 ASN ASN A . n 
A 1 21 CYS 21 21 21 CYS CYS A . n 
A 1 22 LYS 22 22 22 LYS LYS A . n 
A 1 23 GLY 23 23 23 GLY GLY A . n 
A 1 24 HIS 24 24 24 HIS HIS A . n 
A 1 25 SER 25 25 25 SER SER A . n 
A 1 26 GLU 26 26 26 GLU GLU A . n 
A 1 27 PRO 27 27 27 PRO PRO A . n 
A 1 28 CYS 28 28 28 CYS CYS A . n 
A 1 29 VAL 29 29 29 VAL VAL A . n 
A 1 30 LEU 30 30 30 LEU LEU A . n 
A 1 31 ARG 31 31 31 ARG ARG A . n 
A 1 32 THR 32 32 32 THR THR A . n 
A 1 33 VAL 33 33 33 VAL VAL A . n 
A 1 34 LYS 34 34 34 LYS LYS A . n 
A 1 35 LYS 35 35 35 LYS LYS A . n 
A 1 36 ALA 36 36 36 ALA ALA A . n 
A 1 37 GLY 37 37 37 GLY GLY A . n 
A 1 38 PRO 38 38 38 PRO PRO A . n 
A 1 39 ASN 39 39 39 ASN ASN A . n 
A 1 40 CYS 40 40 40 CYS CYS A . n 
A 1 41 GLY 41 41 41 GLY GLY A . n 
A 1 42 ARG 42 42 42 ARG ARG A . n 
A 1 43 GLN 43 43 43 GLN GLN A . n 
A 1 44 PHE 44 44 44 PHE PHE A . n 
A 1 45 TYR 45 45 45 TYR TYR A . n 
A 1 46 VAL 46 46 46 VAL VAL A . n 
A 1 47 CYS 47 47 47 CYS CYS A . n 
A 1 48 ALA 48 48 48 ALA ALA A . n 
A 1 49 ARG 49 49 49 ARG ARG A . n 
A 1 50 PRO 50 50 50 PRO PRO A . n 
A 1 51 GLU 51 51 51 GLU GLU A . n 
A 1 52 GLY 52 52 52 GLY GLY A . n 
A 1 53 HIS 53 53 53 HIS HIS A . n 
A 1 54 SER 54 54 54 SER SER A . n 
A 1 55 SER 55 55 55 SER SER A . n 
A 1 56 ASN 56 56 56 ASN ASN A . n 
A 1 57 PRO 57 57 57 PRO PRO A . n 
A 1 58 GLN 58 58 58 GLN GLN A . n 
A 1 59 ALA 59 59 59 ALA ALA A . n 
A 1 60 ARG 60 60 60 ARG ARG A . n 
A 1 61 CYS 61 61 61 CYS CYS A . n 
A 1 62 ASN 62 62 62 ASN ASN A . n 
A 1 63 PHE 63 63 63 PHE PHE A . n 
A 1 64 PHE 64 64 64 PHE PHE A . n 
A 1 65 LEU 65 65 65 LEU LEU A . n 
A 1 66 TRP 66 66 66 TRP TRP A . n 
A 1 67 LEU 67 67 67 LEU LEU A . n 
A 1 68 THR 68 68 68 THR THR A . n 
A 1 69 LYS 69 69 ?  ?   ?   A . n 
A 1 70 LYS 70 70 ?  ?   ?   A . n 
A 1 71 ALA 71 71 ?  ?   ?   A . n 
A 1 72 GLY 72 72 ?  ?   ?   A . n 
A 1 73 CYS 73 73 ?  ?   ?   A . n 
A 1 74 GLU 74 74 ?  ?   ?   A . n 
A 1 75 ASP 75 75 ?  ?   ?   A . n 
# 
loop_
_pdbx_nonpoly_scheme.asym_id 
_pdbx_nonpoly_scheme.entity_id 
_pdbx_nonpoly_scheme.mon_id 
_pdbx_nonpoly_scheme.ndb_seq_num 
_pdbx_nonpoly_scheme.pdb_seq_num 
_pdbx_nonpoly_scheme.auth_seq_num 
_pdbx_nonpoly_scheme.pdb_mon_id 
_pdbx_nonpoly_scheme.auth_mon_id 
_pdbx_nonpoly_scheme.pdb_strand_id 
_pdbx_nonpoly_scheme.pdb_ins_code 
B 2 ZN  1  101 1  ZN  ZN  A . 
C 3 SO4 1  102 1  SO4 SO4 A . 
D 4 HOH 1  201 9  HOH HOH A . 
D 4 HOH 2  202 6  HOH HOH A . 
D 4 HOH 3  203 3  HOH HOH A . 
D 4 HOH 4  204 17 HOH HOH A . 
D 4 HOH 5  205 5  HOH HOH A . 
D 4 HOH 6  206 12 HOH HOH A . 
D 4 HOH 7  207 18 HOH HOH A . 
D 4 HOH 8  208 4  HOH HOH A . 
D 4 HOH 9  209 1  HOH HOH A . 
D 4 HOH 10 210 11 HOH HOH A . 
D 4 HOH 11 211 15 HOH HOH A . 
D 4 HOH 12 212 10 HOH HOH A . 
D 4 HOH 13 213 7  HOH HOH A . 
D 4 HOH 14 214 16 HOH HOH A . 
D 4 HOH 15 215 14 HOH HOH A . 
D 4 HOH 16 216 2  HOH HOH A . 
D 4 HOH 17 217 8  HOH HOH A . 
D 4 HOH 18 218 13 HOH HOH A . 
# 
loop_
_pdbx_unobs_or_zero_occ_atoms.id 
_pdbx_unobs_or_zero_occ_atoms.PDB_model_num 
_pdbx_unobs_or_zero_occ_atoms.polymer_flag 
_pdbx_unobs_or_zero_occ_atoms.occupancy_flag 
_pdbx_unobs_or_zero_occ_atoms.auth_asym_id 
_pdbx_unobs_or_zero_occ_atoms.auth_comp_id 
_pdbx_unobs_or_zero_occ_atoms.auth_seq_id 
_pdbx_unobs_or_zero_occ_atoms.PDB_ins_code 
_pdbx_unobs_or_zero_occ_atoms.auth_atom_id 
_pdbx_unobs_or_zero_occ_atoms.label_alt_id 
_pdbx_unobs_or_zero_occ_atoms.label_asym_id 
_pdbx_unobs_or_zero_occ_atoms.label_comp_id 
_pdbx_unobs_or_zero_occ_atoms.label_seq_id 
_pdbx_unobs_or_zero_occ_atoms.label_atom_id 
1 1 Y 1 A ASN 2 ? CG  ? A ASN 2 CG  
2 1 Y 1 A ASN 2 ? OD1 ? A ASN 2 OD1 
3 1 Y 1 A ASN 2 ? ND2 ? A ASN 2 ND2 
# 
loop_
_software.citation_id 
_software.classification 
_software.compiler_name 
_software.compiler_version 
_software.contact_author 
_software.contact_author_email 
_software.date 
_software.description 
_software.dependencies 
_software.hardware 
_software.language 
_software.location 
_software.mods 
_software.name 
_software.os 
_software.os_version 
_software.type 
_software.version 
_software.pdbx_ordinal 
? 'data scaling'    ? ? ? ? ? ? ? ? ? ? ? SCALEPACK   ? ? ? .          1 
? refinement        ? ? ? ? ? ? ? ? ? ? ? PHENIX      ? ? ? 1.8.1_1168 2 
? 'data extraction' ? ? ? ? ? ? ? ? ? ? ? PDB_EXTRACT ? ? ? 3.22       3 
? 'data reduction'  ? ? ? ? ? ? ? ? ? ? ? HKL-3000    ? ? ? .          4 
? phasing           ? ? ? ? ? ? ? ? ? ? ? PHENIX      ? ? ? .          5 
# 
_cell.angle_alpha                  90.000 
_cell.angle_alpha_esd              ? 
_cell.angle_beta                   90.000 
_cell.angle_beta_esd               ? 
_cell.angle_gamma                  90.000 
_cell.angle_gamma_esd              ? 
_cell.entry_id                     5U6Z 
_cell.details                      ? 
_cell.formula_units_Z              ? 
_cell.length_a                     90.332 
_cell.length_a_esd                 ? 
_cell.length_b                     90.332 
_cell.length_b_esd                 ? 
_cell.length_c                     23.105 
_cell.length_c_esd                 ? 
_cell.volume                       ? 
_cell.volume_esd                   ? 
_cell.Z_PDB                        8 
_cell.reciprocal_angle_alpha       ? 
_cell.reciprocal_angle_beta        ? 
_cell.reciprocal_angle_gamma       ? 
_cell.reciprocal_angle_alpha_esd   ? 
_cell.reciprocal_angle_beta_esd    ? 
_cell.reciprocal_angle_gamma_esd   ? 
_cell.reciprocal_length_a          ? 
_cell.reciprocal_length_b          ? 
_cell.reciprocal_length_c          ? 
_cell.reciprocal_length_a_esd      ? 
_cell.reciprocal_length_b_esd      ? 
_cell.reciprocal_length_c_esd      ? 
_cell.pdbx_unique_axis             ? 
# 
_symmetry.entry_id                         5U6Z 
_symmetry.cell_setting                     ? 
_symmetry.Int_Tables_number                79 
_symmetry.space_group_name_Hall            ? 
_symmetry.space_group_name_H-M             'I 4' 
_symmetry.pdbx_full_space_group_name_H-M   ? 
# 
_exptl.absorpt_coefficient_mu     ? 
_exptl.absorpt_correction_T_max   ? 
_exptl.absorpt_correction_T_min   ? 
_exptl.absorpt_correction_type    ? 
_exptl.absorpt_process_details    ? 
_exptl.entry_id                   5U6Z 
_exptl.crystals_number            1 
_exptl.details                    ? 
_exptl.method                     'X-RAY DIFFRACTION' 
_exptl.method_details             ? 
# 
_exptl_crystal.colour                      ? 
_exptl_crystal.density_diffrn              ? 
_exptl_crystal.density_Matthews            2.85 
_exptl_crystal.density_method              ? 
_exptl_crystal.density_percent_sol         61.11 
_exptl_crystal.description                 ? 
_exptl_crystal.F_000                       ? 
_exptl_crystal.id                          1 
_exptl_crystal.preparation                 ? 
_exptl_crystal.size_max                    ? 
_exptl_crystal.size_mid                    ? 
_exptl_crystal.size_min                    ? 
_exptl_crystal.size_rad                    ? 
_exptl_crystal.colour_lustre               ? 
_exptl_crystal.colour_modifier             ? 
_exptl_crystal.colour_primary              ? 
_exptl_crystal.density_meas                ? 
_exptl_crystal.density_meas_esd            ? 
_exptl_crystal.density_meas_gt             ? 
_exptl_crystal.density_meas_lt             ? 
_exptl_crystal.density_meas_temp           ? 
_exptl_crystal.density_meas_temp_esd       ? 
_exptl_crystal.density_meas_temp_gt        ? 
_exptl_crystal.density_meas_temp_lt        ? 
_exptl_crystal.pdbx_crystal_image_url      ? 
_exptl_crystal.pdbx_crystal_image_format   ? 
_exptl_crystal.pdbx_mosaicity              ? 
_exptl_crystal.pdbx_mosaicity_esd          ? 
# 
_exptl_crystal_grow.apparatus       ? 
_exptl_crystal_grow.atmosphere      ? 
_exptl_crystal_grow.crystal_id      1 
_exptl_crystal_grow.details         ? 
_exptl_crystal_grow.method          'VAPOR DIFFUSION, SITTING DROP' 
_exptl_crystal_grow.method_ref      ? 
_exptl_crystal_grow.pH              ? 
_exptl_crystal_grow.pressure        ? 
_exptl_crystal_grow.pressure_esd    ? 
_exptl_crystal_grow.seeding         ? 
_exptl_crystal_grow.seeding_ref     ? 
_exptl_crystal_grow.temp            293 
_exptl_crystal_grow.temp_details    ? 
_exptl_crystal_grow.temp_esd        ? 
_exptl_crystal_grow.time            ? 
_exptl_crystal_grow.pdbx_details    '0.8 M (NH4)2SO4, 0.1 M Bicine pH 9.0' 
_exptl_crystal_grow.pdbx_pH_range   ? 
# 
_diffrn.ambient_environment    ? 
_diffrn.ambient_temp           100 
_diffrn.ambient_temp_details   ? 
_diffrn.ambient_temp_esd       ? 
_diffrn.crystal_id             1 
_diffrn.crystal_support        ? 
_diffrn.crystal_treatment      ? 
_diffrn.details                ? 
_diffrn.id                     1 
_diffrn.ambient_pressure       ? 
_diffrn.ambient_pressure_esd   ? 
_diffrn.ambient_pressure_gt    ? 
_diffrn.ambient_pressure_lt    ? 
_diffrn.ambient_temp_gt        ? 
_diffrn.ambient_temp_lt        ? 
# 
_diffrn_detector.details                      ? 
_diffrn_detector.detector                     CCD 
_diffrn_detector.diffrn_id                    1 
_diffrn_detector.type                         'RAYONIX MX300-HS' 
_diffrn_detector.area_resol_mean              ? 
_diffrn_detector.dtime                        ? 
_diffrn_detector.pdbx_frames_total            ? 
_diffrn_detector.pdbx_collection_time_total   ? 
_diffrn_detector.pdbx_collection_date         2014-03-28 
# 
_diffrn_radiation.collimation                      ? 
_diffrn_radiation.diffrn_id                        1 
_diffrn_radiation.filter_edge                      ? 
_diffrn_radiation.inhomogeneity                    ? 
_diffrn_radiation.monochromator                    ? 
_diffrn_radiation.polarisn_norm                    ? 
_diffrn_radiation.polarisn_ratio                   ? 
_diffrn_radiation.probe                            ? 
_diffrn_radiation.type                             ? 
_diffrn_radiation.xray_symbol                      ? 
_diffrn_radiation.wavelength_id                    1 
_diffrn_radiation.pdbx_monochromatic_or_laue_m_l   M 
_diffrn_radiation.pdbx_wavelength_list             ? 
_diffrn_radiation.pdbx_wavelength                  ? 
_diffrn_radiation.pdbx_diffrn_protocol             'SINGLE WAVELENGTH' 
_diffrn_radiation.pdbx_analyzer                    ? 
_diffrn_radiation.pdbx_scattering_type             x-ray 
# 
_diffrn_radiation_wavelength.id           1 
_diffrn_radiation_wavelength.wavelength   1.28257 
_diffrn_radiation_wavelength.wt           1.0 
# 
_diffrn_source.current                     ? 
_diffrn_source.details                     ? 
_diffrn_source.diffrn_id                   1 
_diffrn_source.power                       ? 
_diffrn_source.size                        ? 
_diffrn_source.source                      SYNCHROTRON 
_diffrn_source.target                      ? 
_diffrn_source.type                        'APS BEAMLINE 22-ID' 
_diffrn_source.voltage                     ? 
_diffrn_source.take-off_angle              ? 
_diffrn_source.pdbx_wavelength_list        1.28257 
_diffrn_source.pdbx_wavelength             ? 
_diffrn_source.pdbx_synchrotron_beamline   22-ID 
_diffrn_source.pdbx_synchrotron_site       APS 
# 
_reflns.B_iso_Wilson_estimate            56.070 
_reflns.entry_id                         5U6Z 
_reflns.data_reduction_details           ? 
_reflns.data_reduction_method            ? 
_reflns.d_resolution_high                2.6 
_reflns.d_resolution_low                 50.000 
_reflns.details                          ? 
_reflns.limit_h_max                      ? 
_reflns.limit_h_min                      ? 
_reflns.limit_k_max                      ? 
_reflns.limit_k_min                      ? 
_reflns.limit_l_max                      ? 
_reflns.limit_l_min                      ? 
_reflns.number_all                       ? 
_reflns.number_obs                       5570 
_reflns.observed_criterion               ? 
_reflns.observed_criterion_F_max         ? 
_reflns.observed_criterion_F_min         ? 
_reflns.observed_criterion_I_max         ? 
_reflns.observed_criterion_I_min         ? 
_reflns.observed_criterion_sigma_F       ? 
_reflns.observed_criterion_sigma_I       ? 
_reflns.percent_possible_obs             97.900 
_reflns.R_free_details                   ? 
_reflns.Rmerge_F_all                     ? 
_reflns.Rmerge_F_obs                     ? 
_reflns.Friedel_coverage                 ? 
_reflns.number_gt                        ? 
_reflns.threshold_expression             ? 
_reflns.pdbx_redundancy                  3.700 
_reflns.pdbx_Rmerge_I_obs                0.074 
_reflns.pdbx_Rmerge_I_all                ? 
_reflns.pdbx_Rsym_value                  ? 
_reflns.pdbx_netI_over_av_sigmaI         ? 
_reflns.pdbx_netI_over_sigmaI            8.000 
_reflns.pdbx_res_netI_over_av_sigmaI_2   ? 
_reflns.pdbx_res_netI_over_sigmaI_2      ? 
_reflns.pdbx_chi_squared                 ? 
_reflns.pdbx_scaling_rejects             ? 
_reflns.pdbx_d_res_high_opt              ? 
_reflns.pdbx_d_res_low_opt               ? 
_reflns.pdbx_d_res_opt_method            ? 
_reflns.phase_calculation_details        ? 
_reflns.pdbx_Rrim_I_all                  ? 
_reflns.pdbx_Rpim_I_all                  ? 
_reflns.pdbx_d_opt                       ? 
_reflns.pdbx_number_measured_all         ? 
_reflns.pdbx_diffrn_id                   1 
_reflns.pdbx_ordinal                     1 
_reflns.pdbx_CC_half                     ? 
_reflns.pdbx_R_split                     ? 
# 
loop_
_reflns_shell.d_res_high 
_reflns_shell.d_res_low 
_reflns_shell.meanI_over_sigI_all 
_reflns_shell.meanI_over_sigI_obs 
_reflns_shell.number_measured_all 
_reflns_shell.number_measured_obs 
_reflns_shell.number_possible 
_reflns_shell.number_unique_all 
_reflns_shell.number_unique_obs 
_reflns_shell.percent_possible_all 
_reflns_shell.percent_possible_obs 
_reflns_shell.Rmerge_F_all 
_reflns_shell.Rmerge_F_obs 
_reflns_shell.Rmerge_I_all 
_reflns_shell.Rmerge_I_obs 
_reflns_shell.meanI_over_sigI_gt 
_reflns_shell.meanI_over_uI_all 
_reflns_shell.meanI_over_uI_gt 
_reflns_shell.number_measured_gt 
_reflns_shell.number_unique_gt 
_reflns_shell.percent_possible_gt 
_reflns_shell.Rmerge_F_gt 
_reflns_shell.Rmerge_I_gt 
_reflns_shell.pdbx_redundancy 
_reflns_shell.pdbx_Rsym_value 
_reflns_shell.pdbx_chi_squared 
_reflns_shell.pdbx_netI_over_sigmaI_all 
_reflns_shell.pdbx_netI_over_sigmaI_obs 
_reflns_shell.pdbx_Rrim_I_all 
_reflns_shell.pdbx_Rpim_I_all 
_reflns_shell.pdbx_rejects 
_reflns_shell.pdbx_ordinal 
_reflns_shell.pdbx_diffrn_id 
_reflns_shell.pdbx_CC_half 
_reflns_shell.pdbx_R_split 
2.600 2.640  ? ? ? ? ? ? ? 84.400  ? ? ? ? 0.314 ? ? ? ? ? ? ? ? 3.200 ? ? ? ? ? ? ? 1  1 0.945 ? 
2.640 2.690  ? ? ? ? ? ? ? 91.700  ? ? ? ? 0.273 ? ? ? ? ? ? ? ? 3.200 ? ? ? ? ? ? ? 2  1 0.941 ? 
2.690 2.740  ? ? ? ? ? ? ? 92.600  ? ? ? ? 0.231 ? ? ? ? ? ? ? ? 3.200 ? ? ? ? ? ? ? 3  1 0.953 ? 
2.740 2.800  ? ? ? ? ? ? ? 95.200  ? ? ? ? 0.209 ? ? ? ? ? ? ? ? 3.300 ? ? ? ? ? ? ? 4  1 0.970 ? 
2.800 2.860  ? ? ? ? ? ? ? 95.900  ? ? ? ? 0.196 ? ? ? ? ? ? ? ? 3.500 ? ? ? ? ? ? ? 5  1 0.979 ? 
2.860 2.930  ? ? ? ? ? ? ? 97.100  ? ? ? ? 0.174 ? ? ? ? ? ? ? ? 3.600 ? ? ? ? ? ? ? 6  1 0.990 ? 
2.930 3.000  ? ? ? ? ? ? ? 100.000 ? ? ? ? 0.167 ? ? ? ? ? ? ? ? 3.700 ? ? ? ? ? ? ? 7  1 0.981 ? 
3.000 3.080  ? ? ? ? ? ? ? 100.000 ? ? ? ? 0.169 ? ? ? ? ? ? ? ? 3.700 ? ? ? ? ? ? ? 8  1 0.979 ? 
3.080 3.170  ? ? ? ? ? ? ? 100.000 ? ? ? ? 0.141 ? ? ? ? ? ? ? ? 3.700 ? ? ? ? ? ? ? 9  1 0.989 ? 
3.170 3.280  ? ? ? ? ? ? ? 100.000 ? ? ? ? 0.119 ? ? ? ? ? ? ? ? 3.700 ? ? ? ? ? ? ? 10 1 0.987 ? 
3.280 3.390  ? ? ? ? ? ? ? 100.000 ? ? ? ? 0.106 ? ? ? ? ? ? ? ? 3.800 ? ? ? ? ? ? ? 11 1 0.985 ? 
3.390 3.530  ? ? ? ? ? ? ? 100.000 ? ? ? ? 0.087 ? ? ? ? ? ? ? ? 3.800 ? ? ? ? ? ? ? 12 1 0.991 ? 
3.530 3.690  ? ? ? ? ? ? ? 100.000 ? ? ? ? 0.084 ? ? ? ? ? ? ? ? 3.900 ? ? ? ? ? ? ? 13 1 0.990 ? 
3.690 3.880  ? ? ? ? ? ? ? 100.000 ? ? ? ? 0.074 ? ? ? ? ? ? ? ? 3.900 ? ? ? ? ? ? ? 14 1 0.992 ? 
3.880 4.130  ? ? ? ? ? ? ? 100.000 ? ? ? ? 0.063 ? ? ? ? ? ? ? ? 3.900 ? ? ? ? ? ? ? 15 1 0.996 ? 
4.130 4.450  ? ? ? ? ? ? ? 99.600  ? ? ? ? 0.066 ? ? ? ? ? ? ? ? 3.900 ? ? ? ? ? ? ? 16 1 0.993 ? 
4.450 4.890  ? ? ? ? ? ? ? 100.000 ? ? ? ? 0.066 ? ? ? ? ? ? ? ? 3.900 ? ? ? ? ? ? ? 17 1 0.993 ? 
4.890 5.600  ? ? ? ? ? ? ? 100.000 ? ? ? ? 0.050 ? ? ? ? ? ? ? ? 3.900 ? ? ? ? ? ? ? 18 1 0.995 ? 
5.600 7.050  ? ? ? ? ? ? ? 100.000 ? ? ? ? 0.062 ? ? ? ? ? ? ? ? 3.900 ? ? ? ? ? ? ? 19 1 0.993 ? 
7.050 50.000 ? ? ? ? ? ? ? 99.300  ? ? ? ? 0.058 ? ? ? ? ? ? ? ? 3.800 ? ? ? ? ? ? ? 20 1 0.994 ? 
# 
_refine.aniso_B[1][1]                            ? 
_refine.aniso_B[1][2]                            ? 
_refine.aniso_B[1][3]                            ? 
_refine.aniso_B[2][2]                            ? 
_refine.aniso_B[2][3]                            ? 
_refine.aniso_B[3][3]                            ? 
_refine.B_iso_max                                75.730 
_refine.B_iso_mean                               43.1200 
_refine.B_iso_min                                28.970 
_refine.correlation_coeff_Fo_to_Fc               ? 
_refine.correlation_coeff_Fo_to_Fc_free          ? 
_refine.details                                  ? 
_refine.diff_density_max                         ? 
_refine.diff_density_max_esd                     ? 
_refine.diff_density_min                         ? 
_refine.diff_density_min_esd                     ? 
_refine.diff_density_rms                         ? 
_refine.diff_density_rms_esd                     ? 
_refine.entry_id                                 5U6Z 
_refine.pdbx_refine_id                           'X-RAY DIFFRACTION' 
_refine.ls_abs_structure_details                 ? 
_refine.ls_abs_structure_Flack                   ? 
_refine.ls_abs_structure_Flack_esd               ? 
_refine.ls_abs_structure_Rogers                  ? 
_refine.ls_abs_structure_Rogers_esd              ? 
_refine.ls_d_res_high                            2.6 
_refine.ls_d_res_low                             45.1660 
_refine.ls_extinction_coef                       ? 
_refine.ls_extinction_coef_esd                   ? 
_refine.ls_extinction_expression                 ? 
_refine.ls_extinction_method                     ? 
_refine.ls_goodness_of_fit_all                   ? 
_refine.ls_goodness_of_fit_all_esd               ? 
_refine.ls_goodness_of_fit_obs                   ? 
_refine.ls_goodness_of_fit_obs_esd               ? 
_refine.ls_hydrogen_treatment                    ? 
_refine.ls_matrix_type                           ? 
_refine.ls_number_constraints                    ? 
_refine.ls_number_parameters                     ? 
_refine.ls_number_reflns_all                     ? 
_refine.ls_number_reflns_obs                     5562 
_refine.ls_number_reflns_R_free                  559 
_refine.ls_number_reflns_R_work                  ? 
_refine.ls_number_restraints                     ? 
_refine.ls_percent_reflns_obs                    97.6100 
_refine.ls_percent_reflns_R_free                 10.0500 
_refine.ls_R_factor_all                          ? 
_refine.ls_R_factor_obs                          0.2000 
_refine.ls_R_factor_R_free                       0.2446 
_refine.ls_R_factor_R_free_error                 ? 
_refine.ls_R_factor_R_free_error_details         ? 
_refine.ls_R_factor_R_work                       0.1948 
_refine.ls_R_Fsqd_factor_obs                     ? 
_refine.ls_R_I_factor_obs                        ? 
_refine.ls_redundancy_reflns_all                 ? 
_refine.ls_redundancy_reflns_obs                 ? 
_refine.ls_restrained_S_all                      ? 
_refine.ls_restrained_S_obs                      ? 
_refine.ls_shift_over_esd_max                    ? 
_refine.ls_shift_over_esd_mean                   ? 
_refine.ls_structure_factor_coef                 ? 
_refine.ls_weighting_details                     ? 
_refine.ls_weighting_scheme                      ? 
_refine.ls_wR_factor_all                         ? 
_refine.ls_wR_factor_obs                         ? 
_refine.ls_wR_factor_R_free                      ? 
_refine.ls_wR_factor_R_work                      ? 
_refine.occupancy_max                            ? 
_refine.occupancy_min                            ? 
_refine.solvent_model_details                    ? 
_refine.solvent_model_param_bsol                 ? 
_refine.solvent_model_param_ksol                 ? 
_refine.ls_R_factor_gt                           ? 
_refine.ls_goodness_of_fit_gt                    ? 
_refine.ls_goodness_of_fit_ref                   ? 
_refine.ls_shift_over_su_max                     ? 
_refine.ls_shift_over_su_max_lt                  ? 
_refine.ls_shift_over_su_mean                    ? 
_refine.ls_shift_over_su_mean_lt                 ? 
_refine.pdbx_ls_sigma_I                          ? 
_refine.pdbx_ls_sigma_F                          1.420 
_refine.pdbx_ls_sigma_Fsqd                       ? 
_refine.pdbx_data_cutoff_high_absF               ? 
_refine.pdbx_data_cutoff_high_rms_absF           ? 
_refine.pdbx_data_cutoff_low_absF                ? 
_refine.pdbx_isotropic_thermal_model             ? 
_refine.pdbx_ls_cross_valid_method               'FREE R-VALUE' 
_refine.pdbx_method_to_determine_struct          SAD 
_refine.pdbx_starting_model                      ? 
_refine.pdbx_stereochemistry_target_values       ? 
_refine.pdbx_R_Free_selection_details            ? 
_refine.pdbx_stereochem_target_val_spec_case     ? 
_refine.pdbx_overall_ESU_R                       ? 
_refine.pdbx_overall_ESU_R_Free                  ? 
_refine.pdbx_solvent_vdw_probe_radii             1.1100 
_refine.pdbx_solvent_ion_probe_radii             ? 
_refine.pdbx_solvent_shrinkage_radii             0.9000 
_refine.pdbx_real_space_R                        ? 
_refine.pdbx_density_correlation                 ? 
_refine.pdbx_pd_number_of_powder_patterns        ? 
_refine.pdbx_pd_number_of_points                 ? 
_refine.pdbx_pd_meas_number_of_points            ? 
_refine.pdbx_pd_proc_ls_prof_R_factor            ? 
_refine.pdbx_pd_proc_ls_prof_wR_factor           ? 
_refine.pdbx_pd_Marquardt_correlation_coeff      ? 
_refine.pdbx_pd_Fsqrd_R_factor                   ? 
_refine.pdbx_pd_ls_matrix_band_width             ? 
_refine.pdbx_overall_phase_error                 29.6100 
_refine.pdbx_overall_SU_R_free_Cruickshank_DPI   ? 
_refine.pdbx_overall_SU_R_free_Blow_DPI          ? 
_refine.pdbx_overall_SU_R_Blow_DPI               ? 
_refine.pdbx_TLS_residual_ADP_flag               ? 
_refine.pdbx_diffrn_id                           1 
_refine.overall_SU_B                             ? 
_refine.overall_SU_ML                            0.3000 
_refine.overall_SU_R_Cruickshank_DPI             ? 
_refine.overall_SU_R_free                        ? 
_refine.overall_FOM_free_R_set                   ? 
_refine.overall_FOM_work_R_set                   ? 
_refine.pdbx_average_fsc_overall                 ? 
_refine.pdbx_average_fsc_work                    ? 
_refine.pdbx_average_fsc_free                    ? 
# 
_refine_hist.cycle_id                         final 
_refine_hist.pdbx_refine_id                   'X-RAY DIFFRACTION' 
_refine_hist.d_res_high                       2.6 
_refine_hist.d_res_low                        45.1660 
_refine_hist.pdbx_number_atoms_ligand         6 
_refine_hist.number_atoms_solvent             18 
_refine_hist.number_atoms_total               543 
_refine_hist.pdbx_number_residues_total       67 
_refine_hist.pdbx_B_iso_mean_ligand           62.15 
_refine_hist.pdbx_B_iso_mean_solvent          42.10 
_refine_hist.pdbx_number_atoms_protein        519 
_refine_hist.pdbx_number_atoms_nucleic_acid   0 
# 
loop_
_refine_ls_restr.pdbx_refine_id 
_refine_ls_restr.criterion 
_refine_ls_restr.dev_ideal 
_refine_ls_restr.dev_ideal_target 
_refine_ls_restr.number 
_refine_ls_restr.rejects 
_refine_ls_restr.type 
_refine_ls_restr.weight 
_refine_ls_restr.pdbx_restraint_function 
'X-RAY DIFFRACTION' ? 0.013  ? 542 ? f_bond_d           ? ? 
'X-RAY DIFFRACTION' ? 1.460  ? 738 ? f_angle_d          ? ? 
'X-RAY DIFFRACTION' ? 0.082  ? 73  ? f_chiral_restr     ? ? 
'X-RAY DIFFRACTION' ? 0.009  ? 97  ? f_plane_restr      ? ? 
'X-RAY DIFFRACTION' ? 16.610 ? 200 ? f_dihedral_angle_d ? ? 
# 
loop_
_refine_ls_shell.pdbx_refine_id 
_refine_ls_shell.d_res_high 
_refine_ls_shell.d_res_low 
_refine_ls_shell.number_reflns_all 
_refine_ls_shell.number_reflns_obs 
_refine_ls_shell.number_reflns_R_free 
_refine_ls_shell.number_reflns_R_work 
_refine_ls_shell.percent_reflns_obs 
_refine_ls_shell.percent_reflns_R_free 
_refine_ls_shell.R_factor_all 
_refine_ls_shell.R_factor_obs 
_refine_ls_shell.R_factor_R_free 
_refine_ls_shell.R_factor_R_free_error 
_refine_ls_shell.R_factor_R_work 
_refine_ls_shell.redundancy_reflns_all 
_refine_ls_shell.redundancy_reflns_obs 
_refine_ls_shell.wR_factor_all 
_refine_ls_shell.wR_factor_obs 
_refine_ls_shell.wR_factor_R_free 
_refine_ls_shell.wR_factor_R_work 
_refine_ls_shell.pdbx_total_number_of_bins_used 
_refine_ls_shell.pdbx_phase_error 
_refine_ls_shell.pdbx_fsc_work 
_refine_ls_shell.pdbx_fsc_free 
'X-RAY DIFFRACTION' 2.5850 2.8451  1300 . 136 1164 92.0000  . . . 0.2898 0.0000 0.2345 . . . . . . 4 . . . 
'X-RAY DIFFRACTION' 2.8451 3.2567  1409 . 138 1271 99.0000  . . . 0.3048 0.0000 0.2197 . . . . . . 4 . . . 
'X-RAY DIFFRACTION' 3.2567 4.1026  1427 . 137 1290 100.0000 . . . 0.2457 0.0000 0.1885 . . . . . . 4 . . . 
'X-RAY DIFFRACTION' 4.1026 45.1729 1426 . 148 1278 100.0000 . . . 0.2203 0.0000 0.1847 . . . . . . 4 . . . 
# 
_struct.entry_id                     5U6Z 
_struct.title                        'Crystal Structure of Xenopus laevis Apex2 C-terminal Znf-GRF Domain' 
_struct.pdbx_model_details           ? 
_struct.pdbx_formula_weight          ? 
_struct.pdbx_formula_weight_method   ? 
_struct.pdbx_model_type_details      ? 
_struct.pdbx_CASP_flag               N 
# 
_struct_keywords.entry_id        5U6Z 
_struct_keywords.text            
;GRF Zinc Finger, 3' AP Endo/Exonuclease, DNA binding, LYASE
;
_struct_keywords.pdbx_keywords   LYASE 
# 
loop_
_struct_asym.id 
_struct_asym.pdbx_blank_PDB_chainid_flag 
_struct_asym.pdbx_modified 
_struct_asym.entity_id 
_struct_asym.details 
A N N 1 ? 
B N N 2 ? 
C N N 3 ? 
D N N 4 ? 
# 
_struct_ref.id                         1 
_struct_ref.db_name                    UNP 
_struct_ref.db_code                    Q6DDT4_XENLA 
_struct_ref.pdbx_db_accession          Q6DDT4 
_struct_ref.pdbx_db_isoform            ? 
_struct_ref.entity_id                  1 
_struct_ref.pdbx_seq_one_letter_code   QTAFWKSLLKGPPPPPNCKGHSEPCVLRTVKKAGPNCGRQFYVCARPEGHSSNPQARCNFFLWLTKKAGCED 
_struct_ref.pdbx_align_begin           446 
# 
_struct_ref_seq.align_id                      1 
_struct_ref_seq.ref_id                        1 
_struct_ref_seq.pdbx_PDB_id_code              5U6Z 
_struct_ref_seq.pdbx_strand_id                A 
_struct_ref_seq.seq_align_beg                 4 
_struct_ref_seq.pdbx_seq_align_beg_ins_code   ? 
_struct_ref_seq.seq_align_end                 75 
_struct_ref_seq.pdbx_seq_align_end_ins_code   ? 
_struct_ref_seq.pdbx_db_accession             Q6DDT4 
_struct_ref_seq.db_align_beg                  446 
_struct_ref_seq.pdbx_db_align_beg_ins_code    ? 
_struct_ref_seq.db_align_end                  517 
_struct_ref_seq.pdbx_db_align_end_ins_code    ? 
_struct_ref_seq.pdbx_auth_seq_align_beg       4 
_struct_ref_seq.pdbx_auth_seq_align_end       75 
# 
loop_
_struct_ref_seq_dif.align_id 
_struct_ref_seq_dif.pdbx_pdb_id_code 
_struct_ref_seq_dif.mon_id 
_struct_ref_seq_dif.pdbx_pdb_strand_id 
_struct_ref_seq_dif.seq_num 
_struct_ref_seq_dif.pdbx_pdb_ins_code 
_struct_ref_seq_dif.pdbx_seq_db_name 
_struct_ref_seq_dif.pdbx_seq_db_accession_code 
_struct_ref_seq_dif.db_mon_id 
_struct_ref_seq_dif.pdbx_seq_db_seq_num 
_struct_ref_seq_dif.details 
_struct_ref_seq_dif.pdbx_auth_seq_num 
_struct_ref_seq_dif.pdbx_ordinal 
1 5U6Z SER A 1 ? UNP Q6DDT4 ? ? 'expression tag' 1 1 
1 5U6Z ASN A 2 ? UNP Q6DDT4 ? ? 'expression tag' 2 2 
1 5U6Z ALA A 3 ? UNP Q6DDT4 ? ? 'expression tag' 3 3 
# 
_pdbx_struct_assembly.id                   1 
_pdbx_struct_assembly.details              author_and_software_defined_assembly 
_pdbx_struct_assembly.method_details       PISA 
_pdbx_struct_assembly.oligomeric_details   monomeric 
_pdbx_struct_assembly.oligomeric_count     1 
# 
loop_
_pdbx_struct_assembly_prop.biol_id 
_pdbx_struct_assembly_prop.type 
_pdbx_struct_assembly_prop.value 
_pdbx_struct_assembly_prop.details 
1 'ABSA (A^2)' 180  ? 
1 MORE         -13  ? 
1 'SSA (A^2)'  5680 ? 
# 
_pdbx_struct_assembly_gen.assembly_id       1 
_pdbx_struct_assembly_gen.oper_expression   1 
_pdbx_struct_assembly_gen.asym_id_list      A,B,C,D 
# 
_pdbx_struct_oper_list.id                   1 
_pdbx_struct_oper_list.type                 'identity operation' 
_pdbx_struct_oper_list.name                 1_555 
_pdbx_struct_oper_list.symmetry_operation   x,y,z 
_pdbx_struct_oper_list.matrix[1][1]         1.0000000000 
_pdbx_struct_oper_list.matrix[1][2]         0.0000000000 
_pdbx_struct_oper_list.matrix[1][3]         0.0000000000 
_pdbx_struct_oper_list.vector[1]            0.0000000000 
_pdbx_struct_oper_list.matrix[2][1]         0.0000000000 
_pdbx_struct_oper_list.matrix[2][2]         1.0000000000 
_pdbx_struct_oper_list.matrix[2][3]         0.0000000000 
_pdbx_struct_oper_list.vector[2]            0.0000000000 
_pdbx_struct_oper_list.matrix[3][1]         0.0000000000 
_pdbx_struct_oper_list.matrix[3][2]         0.0000000000 
_pdbx_struct_oper_list.matrix[3][3]         1.0000000000 
_pdbx_struct_oper_list.vector[3]            0.0000000000 
# 
_struct_conf.conf_type_id            HELX_P 
_struct_conf.id                      HELX_P1 
_struct_conf.pdbx_PDB_helix_id       AA1 
_struct_conf.beg_label_comp_id       ASN 
_struct_conf.beg_label_asym_id       A 
_struct_conf.beg_label_seq_id        2 
_struct_conf.pdbx_beg_PDB_ins_code   ? 
_struct_conf.end_label_comp_id       LEU 
_struct_conf.end_label_asym_id       A 
_struct_conf.end_label_seq_id        12 
_struct_conf.pdbx_end_PDB_ins_code   ? 
_struct_conf.beg_auth_comp_id        ASN 
_struct_conf.beg_auth_asym_id        A 
_struct_conf.beg_auth_seq_id         2 
_struct_conf.end_auth_comp_id        LEU 
_struct_conf.end_auth_asym_id        A 
_struct_conf.end_auth_seq_id         12 
_struct_conf.pdbx_PDB_helix_class    1 
_struct_conf.details                 ? 
_struct_conf.pdbx_PDB_helix_length   11 
# 
_struct_conf_type.id          HELX_P 
_struct_conf_type.criteria    ? 
_struct_conf_type.reference   ? 
# 
loop_
_struct_conn.id 
_struct_conn.conn_type_id 
_struct_conn.pdbx_leaving_atom_flag 
_struct_conn.pdbx_PDB_id 
_struct_conn.ptnr1_label_asym_id 
_struct_conn.ptnr1_label_comp_id 
_struct_conn.ptnr1_label_seq_id 
_struct_conn.ptnr1_label_atom_id 
_struct_conn.pdbx_ptnr1_label_alt_id 
_struct_conn.pdbx_ptnr1_PDB_ins_code 
_struct_conn.pdbx_ptnr1_standard_comp_id 
_struct_conn.ptnr1_symmetry 
_struct_conn.ptnr2_label_asym_id 
_struct_conn.ptnr2_label_comp_id 
_struct_conn.ptnr2_label_seq_id 
_struct_conn.ptnr2_label_atom_id 
_struct_conn.pdbx_ptnr2_label_alt_id 
_struct_conn.pdbx_ptnr2_PDB_ins_code 
_struct_conn.ptnr1_auth_asym_id 
_struct_conn.ptnr1_auth_comp_id 
_struct_conn.ptnr1_auth_seq_id 
_struct_conn.ptnr2_auth_asym_id 
_struct_conn.ptnr2_auth_comp_id 
_struct_conn.ptnr2_auth_seq_id 
_struct_conn.ptnr2_symmetry 
_struct_conn.pdbx_ptnr3_label_atom_id 
_struct_conn.pdbx_ptnr3_label_seq_id 
_struct_conn.pdbx_ptnr3_label_comp_id 
_struct_conn.pdbx_ptnr3_label_asym_id 
_struct_conn.pdbx_ptnr3_label_alt_id 
_struct_conn.pdbx_ptnr3_PDB_ins_code 
_struct_conn.details 
_struct_conn.pdbx_dist_value 
_struct_conn.pdbx_value_order 
_struct_conn.pdbx_role 
metalc1 metalc ? ? A CYS 21 SG  ? ? ? 1_555 B ZN . ZN ? ? A CYS 21 A ZN 101 1_555 ? ? ? ? ? ? ? 2.425 ? ? 
metalc2 metalc ? ? A HIS 24 ND1 ? ? ? 1_555 B ZN . ZN ? ? A HIS 24 A ZN 101 1_555 ? ? ? ? ? ? ? 2.031 ? ? 
metalc3 metalc ? ? A CYS 47 SG  ? ? ? 1_555 B ZN . ZN ? ? A CYS 47 A ZN 101 1_555 ? ? ? ? ? ? ? 2.252 ? ? 
metalc4 metalc ? ? A CYS 61 SG  ? ? ? 1_555 B ZN . ZN ? ? A CYS 61 A ZN 101 1_555 ? ? ? ? ? ? ? 2.357 ? ? 
# 
_struct_conn_type.id          metalc 
_struct_conn_type.criteria    ? 
_struct_conn_type.reference   ? 
# 
loop_
_pdbx_struct_conn_angle.id 
_pdbx_struct_conn_angle.ptnr1_label_atom_id 
_pdbx_struct_conn_angle.ptnr1_label_alt_id 
_pdbx_struct_conn_angle.ptnr1_label_asym_id 
_pdbx_struct_conn_angle.ptnr1_label_comp_id 
_pdbx_struct_conn_angle.ptnr1_label_seq_id 
_pdbx_struct_conn_angle.ptnr1_auth_atom_id 
_pdbx_struct_conn_angle.ptnr1_auth_asym_id 
_pdbx_struct_conn_angle.ptnr1_auth_comp_id 
_pdbx_struct_conn_angle.ptnr1_auth_seq_id 
_pdbx_struct_conn_angle.ptnr1_PDB_ins_code 
_pdbx_struct_conn_angle.ptnr1_symmetry 
_pdbx_struct_conn_angle.ptnr2_label_atom_id 
_pdbx_struct_conn_angle.ptnr2_label_alt_id 
_pdbx_struct_conn_angle.ptnr2_label_asym_id 
_pdbx_struct_conn_angle.ptnr2_label_comp_id 
_pdbx_struct_conn_angle.ptnr2_label_seq_id 
_pdbx_struct_conn_angle.ptnr2_auth_atom_id 
_pdbx_struct_conn_angle.ptnr2_auth_asym_id 
_pdbx_struct_conn_angle.ptnr2_auth_comp_id 
_pdbx_struct_conn_angle.ptnr2_auth_seq_id 
_pdbx_struct_conn_angle.ptnr2_PDB_ins_code 
_pdbx_struct_conn_angle.ptnr2_symmetry 
_pdbx_struct_conn_angle.ptnr3_label_atom_id 
_pdbx_struct_conn_angle.ptnr3_label_alt_id 
_pdbx_struct_conn_angle.ptnr3_label_asym_id 
_pdbx_struct_conn_angle.ptnr3_label_comp_id 
_pdbx_struct_conn_angle.ptnr3_label_seq_id 
_pdbx_struct_conn_angle.ptnr3_auth_atom_id 
_pdbx_struct_conn_angle.ptnr3_auth_asym_id 
_pdbx_struct_conn_angle.ptnr3_auth_comp_id 
_pdbx_struct_conn_angle.ptnr3_auth_seq_id 
_pdbx_struct_conn_angle.ptnr3_PDB_ins_code 
_pdbx_struct_conn_angle.ptnr3_symmetry 
_pdbx_struct_conn_angle.value 
_pdbx_struct_conn_angle.value_esd 
1 SG  ? A CYS 21 ? A CYS 21 ? 1_555 ZN ? B ZN . ? A ZN 101 ? 1_555 ND1 ? A HIS 24 ? A HIS 24 ? 1_555 104.4 ? 
2 SG  ? A CYS 21 ? A CYS 21 ? 1_555 ZN ? B ZN . ? A ZN 101 ? 1_555 SG  ? A CYS 47 ? A CYS 47 ? 1_555 120.5 ? 
3 ND1 ? A HIS 24 ? A HIS 24 ? 1_555 ZN ? B ZN . ? A ZN 101 ? 1_555 SG  ? A CYS 47 ? A CYS 47 ? 1_555 110.6 ? 
4 SG  ? A CYS 21 ? A CYS 21 ? 1_555 ZN ? B ZN . ? A ZN 101 ? 1_555 SG  ? A CYS 61 ? A CYS 61 ? 1_555 103.2 ? 
5 ND1 ? A HIS 24 ? A HIS 24 ? 1_555 ZN ? B ZN . ? A ZN 101 ? 1_555 SG  ? A CYS 61 ? A CYS 61 ? 1_555 116.4 ? 
6 SG  ? A CYS 47 ? A CYS 47 ? 1_555 ZN ? B ZN . ? A ZN 101 ? 1_555 SG  ? A CYS 61 ? A CYS 61 ? 1_555 102.2 ? 
# 
_struct_sheet.id               AA1 
_struct_sheet.type             ? 
_struct_sheet.number_strands   3 
_struct_sheet.details          ? 
# 
loop_
_struct_sheet_order.sheet_id 
_struct_sheet_order.range_id_1 
_struct_sheet_order.range_id_2 
_struct_sheet_order.offset 
_struct_sheet_order.sense 
AA1 1 2 ? anti-parallel 
AA1 2 3 ? anti-parallel 
# 
loop_
_struct_sheet_range.sheet_id 
_struct_sheet_range.id 
_struct_sheet_range.beg_label_comp_id 
_struct_sheet_range.beg_label_asym_id 
_struct_sheet_range.beg_label_seq_id 
_struct_sheet_range.pdbx_beg_PDB_ins_code 
_struct_sheet_range.end_label_comp_id 
_struct_sheet_range.end_label_asym_id 
_struct_sheet_range.end_label_seq_id 
_struct_sheet_range.pdbx_end_PDB_ins_code 
_struct_sheet_range.beg_auth_comp_id 
_struct_sheet_range.beg_auth_asym_id 
_struct_sheet_range.beg_auth_seq_id 
_struct_sheet_range.end_auth_comp_id 
_struct_sheet_range.end_auth_asym_id 
_struct_sheet_range.end_auth_seq_id 
AA1 1 VAL A 29 ? THR A 32 ? VAL A 29 THR A 32 
AA1 2 GLN A 43 ? VAL A 46 ? GLN A 43 VAL A 46 
AA1 3 PHE A 64 ? TRP A 66 ? PHE A 64 TRP A 66 
# 
loop_
_pdbx_struct_sheet_hbond.sheet_id 
_pdbx_struct_sheet_hbond.range_id_1 
_pdbx_struct_sheet_hbond.range_id_2 
_pdbx_struct_sheet_hbond.range_1_label_atom_id 
_pdbx_struct_sheet_hbond.range_1_label_comp_id 
_pdbx_struct_sheet_hbond.range_1_label_asym_id 
_pdbx_struct_sheet_hbond.range_1_label_seq_id 
_pdbx_struct_sheet_hbond.range_1_PDB_ins_code 
_pdbx_struct_sheet_hbond.range_1_auth_atom_id 
_pdbx_struct_sheet_hbond.range_1_auth_comp_id 
_pdbx_struct_sheet_hbond.range_1_auth_asym_id 
_pdbx_struct_sheet_hbond.range_1_auth_seq_id 
_pdbx_struct_sheet_hbond.range_2_label_atom_id 
_pdbx_struct_sheet_hbond.range_2_label_comp_id 
_pdbx_struct_sheet_hbond.range_2_label_asym_id 
_pdbx_struct_sheet_hbond.range_2_label_seq_id 
_pdbx_struct_sheet_hbond.range_2_PDB_ins_code 
_pdbx_struct_sheet_hbond.range_2_auth_atom_id 
_pdbx_struct_sheet_hbond.range_2_auth_comp_id 
_pdbx_struct_sheet_hbond.range_2_auth_asym_id 
_pdbx_struct_sheet_hbond.range_2_auth_seq_id 
AA1 1 2 N ARG A 31 ? N ARG A 31 O PHE A 44 ? O PHE A 44 
AA1 2 3 N TYR A 45 ? N TYR A 45 O LEU A 65 ? O LEU A 65 
# 
loop_
_struct_site.id 
_struct_site.pdbx_evidence_code 
_struct_site.pdbx_auth_asym_id 
_struct_site.pdbx_auth_comp_id 
_struct_site.pdbx_auth_seq_id 
_struct_site.pdbx_auth_ins_code 
_struct_site.pdbx_num_residues 
_struct_site.details 
AC1 Software A ZN  101 ? 4 'binding site for residue ZN A 101'  
AC2 Software A SO4 102 ? 5 'binding site for residue SO4 A 102' 
# 
loop_
_struct_site_gen.id 
_struct_site_gen.site_id 
_struct_site_gen.pdbx_num_res 
_struct_site_gen.label_comp_id 
_struct_site_gen.label_asym_id 
_struct_site_gen.label_seq_id 
_struct_site_gen.pdbx_auth_ins_code 
_struct_site_gen.auth_comp_id 
_struct_site_gen.auth_asym_id 
_struct_site_gen.auth_seq_id 
_struct_site_gen.label_atom_id 
_struct_site_gen.label_alt_id 
_struct_site_gen.symmetry 
_struct_site_gen.details 
1 AC1 4 CYS A 21 ? CYS A 21  . ? 1_555 ? 
2 AC1 4 HIS A 24 ? HIS A 24  . ? 1_555 ? 
3 AC1 4 CYS A 47 ? CYS A 47  . ? 1_555 ? 
4 AC1 4 CYS A 61 ? CYS A 61  . ? 1_555 ? 
5 AC2 5 ARG A 31 ? ARG A 31  . ? 1_555 ? 
6 AC2 5 THR A 32 ? THR A 32  . ? 1_555 ? 
7 AC2 5 LYS A 34 ? LYS A 34  . ? 1_555 ? 
8 AC2 5 HOH D .  ? HOH A 201 . ? 1_555 ? 
9 AC2 5 HOH D .  ? HOH A 207 . ? 1_555 ? 
# 
_pdbx_validate_close_contact.id               1 
_pdbx_validate_close_contact.PDB_model_num    1 
_pdbx_validate_close_contact.auth_atom_id_1   O4 
_pdbx_validate_close_contact.auth_asym_id_1   A 
_pdbx_validate_close_contact.auth_comp_id_1   SO4 
_pdbx_validate_close_contact.auth_seq_id_1    102 
_pdbx_validate_close_contact.PDB_ins_code_1   ? 
_pdbx_validate_close_contact.label_alt_id_1   ? 
_pdbx_validate_close_contact.auth_atom_id_2   O 
_pdbx_validate_close_contact.auth_asym_id_2   A 
_pdbx_validate_close_contact.auth_comp_id_2   HOH 
_pdbx_validate_close_contact.auth_seq_id_2    201 
_pdbx_validate_close_contact.PDB_ins_code_2   ? 
_pdbx_validate_close_contact.label_alt_id_2   ? 
_pdbx_validate_close_contact.dist             2.19 
# 
_pdbx_validate_symm_contact.id                1 
_pdbx_validate_symm_contact.PDB_model_num     1 
_pdbx_validate_symm_contact.auth_atom_id_1    OG1 
_pdbx_validate_symm_contact.auth_asym_id_1    A 
_pdbx_validate_symm_contact.auth_comp_id_1    THR 
_pdbx_validate_symm_contact.auth_seq_id_1     5 
_pdbx_validate_symm_contact.PDB_ins_code_1    ? 
_pdbx_validate_symm_contact.label_alt_id_1    ? 
_pdbx_validate_symm_contact.site_symmetry_1   1_555 
_pdbx_validate_symm_contact.auth_atom_id_2    OD1 
_pdbx_validate_symm_contact.auth_asym_id_2    A 
_pdbx_validate_symm_contact.auth_comp_id_2    ASN 
_pdbx_validate_symm_contact.auth_seq_id_2     62 
_pdbx_validate_symm_contact.PDB_ins_code_2    ? 
_pdbx_validate_symm_contact.label_alt_id_2    ? 
_pdbx_validate_symm_contact.site_symmetry_2   7_544 
_pdbx_validate_symm_contact.dist              1.94 
# 
_pdbx_validate_torsion.id              1 
_pdbx_validate_torsion.PDB_model_num   1 
_pdbx_validate_torsion.auth_comp_id    PRO 
_pdbx_validate_torsion.auth_asym_id    A 
_pdbx_validate_torsion.auth_seq_id     15 
_pdbx_validate_torsion.PDB_ins_code    ? 
_pdbx_validate_torsion.label_alt_id    ? 
_pdbx_validate_torsion.phi             -49.33 
_pdbx_validate_torsion.psi             151.22 
# 
loop_
_pdbx_unobs_or_zero_occ_residues.id 
_pdbx_unobs_or_zero_occ_residues.PDB_model_num 
_pdbx_unobs_or_zero_occ_residues.polymer_flag 
_pdbx_unobs_or_zero_occ_residues.occupancy_flag 
_pdbx_unobs_or_zero_occ_residues.auth_asym_id 
_pdbx_unobs_or_zero_occ_residues.auth_comp_id 
_pdbx_unobs_or_zero_occ_residues.auth_seq_id 
_pdbx_unobs_or_zero_occ_residues.PDB_ins_code 
_pdbx_unobs_or_zero_occ_residues.label_asym_id 
_pdbx_unobs_or_zero_occ_residues.label_comp_id 
_pdbx_unobs_or_zero_occ_residues.label_seq_id 
1 1 Y 1 A SER 1  ? A SER 1  
2 1 Y 1 A LYS 69 ? A LYS 69 
3 1 Y 1 A LYS 70 ? A LYS 70 
4 1 Y 1 A ALA 71 ? A ALA 71 
5 1 Y 1 A GLY 72 ? A GLY 72 
6 1 Y 1 A CYS 73 ? A CYS 73 
7 1 Y 1 A GLU 74 ? A GLU 74 
8 1 Y 1 A ASP 75 ? A ASP 75 
# 
loop_
_chem_comp_atom.comp_id 
_chem_comp_atom.atom_id 
_chem_comp_atom.type_symbol 
_chem_comp_atom.pdbx_aromatic_flag 
_chem_comp_atom.pdbx_stereo_config 
_chem_comp_atom.pdbx_ordinal 
ALA N    N  N N 1   
ALA CA   C  N S 2   
ALA C    C  N N 3   
ALA O    O  N N 4   
ALA CB   C  N N 5   
ALA OXT  O  N N 6   
ALA H    H  N N 7   
ALA H2   H  N N 8   
ALA HA   H  N N 9   
ALA HB1  H  N N 10  
ALA HB2  H  N N 11  
ALA HB3  H  N N 12  
ALA HXT  H  N N 13  
ARG N    N  N N 14  
ARG CA   C  N S 15  
ARG C    C  N N 16  
ARG O    O  N N 17  
ARG CB   C  N N 18  
ARG CG   C  N N 19  
ARG CD   C  N N 20  
ARG NE   N  N N 21  
ARG CZ   C  N N 22  
ARG NH1  N  N N 23  
ARG NH2  N  N N 24  
ARG OXT  O  N N 25  
ARG H    H  N N 26  
ARG H2   H  N N 27  
ARG HA   H  N N 28  
ARG HB2  H  N N 29  
ARG HB3  H  N N 30  
ARG HG2  H  N N 31  
ARG HG3  H  N N 32  
ARG HD2  H  N N 33  
ARG HD3  H  N N 34  
ARG HE   H  N N 35  
ARG HH11 H  N N 36  
ARG HH12 H  N N 37  
ARG HH21 H  N N 38  
ARG HH22 H  N N 39  
ARG HXT  H  N N 40  
ASN N    N  N N 41  
ASN CA   C  N S 42  
ASN C    C  N N 43  
ASN O    O  N N 44  
ASN CB   C  N N 45  
ASN CG   C  N N 46  
ASN OD1  O  N N 47  
ASN ND2  N  N N 48  
ASN OXT  O  N N 49  
ASN H    H  N N 50  
ASN H2   H  N N 51  
ASN HA   H  N N 52  
ASN HB2  H  N N 53  
ASN HB3  H  N N 54  
ASN HD21 H  N N 55  
ASN HD22 H  N N 56  
ASN HXT  H  N N 57  
ASP N    N  N N 58  
ASP CA   C  N S 59  
ASP C    C  N N 60  
ASP O    O  N N 61  
ASP CB   C  N N 62  
ASP CG   C  N N 63  
ASP OD1  O  N N 64  
ASP OD2  O  N N 65  
ASP OXT  O  N N 66  
ASP H    H  N N 67  
ASP H2   H  N N 68  
ASP HA   H  N N 69  
ASP HB2  H  N N 70  
ASP HB3  H  N N 71  
ASP HD2  H  N N 72  
ASP HXT  H  N N 73  
CYS N    N  N N 74  
CYS CA   C  N R 75  
CYS C    C  N N 76  
CYS O    O  N N 77  
CYS CB   C  N N 78  
CYS SG   S  N N 79  
CYS OXT  O  N N 80  
CYS H    H  N N 81  
CYS H2   H  N N 82  
CYS HA   H  N N 83  
CYS HB2  H  N N 84  
CYS HB3  H  N N 85  
CYS HG   H  N N 86  
CYS HXT  H  N N 87  
GLN N    N  N N 88  
GLN CA   C  N S 89  
GLN C    C  N N 90  
GLN O    O  N N 91  
GLN CB   C  N N 92  
GLN CG   C  N N 93  
GLN CD   C  N N 94  
GLN OE1  O  N N 95  
GLN NE2  N  N N 96  
GLN OXT  O  N N 97  
GLN H    H  N N 98  
GLN H2   H  N N 99  
GLN HA   H  N N 100 
GLN HB2  H  N N 101 
GLN HB3  H  N N 102 
GLN HG2  H  N N 103 
GLN HG3  H  N N 104 
GLN HE21 H  N N 105 
GLN HE22 H  N N 106 
GLN HXT  H  N N 107 
GLU N    N  N N 108 
GLU CA   C  N S 109 
GLU C    C  N N 110 
GLU O    O  N N 111 
GLU CB   C  N N 112 
GLU CG   C  N N 113 
GLU CD   C  N N 114 
GLU OE1  O  N N 115 
GLU OE2  O  N N 116 
GLU OXT  O  N N 117 
GLU H    H  N N 118 
GLU H2   H  N N 119 
GLU HA   H  N N 120 
GLU HB2  H  N N 121 
GLU HB3  H  N N 122 
GLU HG2  H  N N 123 
GLU HG3  H  N N 124 
GLU HE2  H  N N 125 
GLU HXT  H  N N 126 
GLY N    N  N N 127 
GLY CA   C  N N 128 
GLY C    C  N N 129 
GLY O    O  N N 130 
GLY OXT  O  N N 131 
GLY H    H  N N 132 
GLY H2   H  N N 133 
GLY HA2  H  N N 134 
GLY HA3  H  N N 135 
GLY HXT  H  N N 136 
HIS N    N  N N 137 
HIS CA   C  N S 138 
HIS C    C  N N 139 
HIS O    O  N N 140 
HIS CB   C  N N 141 
HIS CG   C  Y N 142 
HIS ND1  N  Y N 143 
HIS CD2  C  Y N 144 
HIS CE1  C  Y N 145 
HIS NE2  N  Y N 146 
HIS OXT  O  N N 147 
HIS H    H  N N 148 
HIS H2   H  N N 149 
HIS HA   H  N N 150 
HIS HB2  H  N N 151 
HIS HB3  H  N N 152 
HIS HD1  H  N N 153 
HIS HD2  H  N N 154 
HIS HE1  H  N N 155 
HIS HE2  H  N N 156 
HIS HXT  H  N N 157 
HOH O    O  N N 158 
HOH H1   H  N N 159 
HOH H2   H  N N 160 
LEU N    N  N N 161 
LEU CA   C  N S 162 
LEU C    C  N N 163 
LEU O    O  N N 164 
LEU CB   C  N N 165 
LEU CG   C  N N 166 
LEU CD1  C  N N 167 
LEU CD2  C  N N 168 
LEU OXT  O  N N 169 
LEU H    H  N N 170 
LEU H2   H  N N 171 
LEU HA   H  N N 172 
LEU HB2  H  N N 173 
LEU HB3  H  N N 174 
LEU HG   H  N N 175 
LEU HD11 H  N N 176 
LEU HD12 H  N N 177 
LEU HD13 H  N N 178 
LEU HD21 H  N N 179 
LEU HD22 H  N N 180 
LEU HD23 H  N N 181 
LEU HXT  H  N N 182 
LYS N    N  N N 183 
LYS CA   C  N S 184 
LYS C    C  N N 185 
LYS O    O  N N 186 
LYS CB   C  N N 187 
LYS CG   C  N N 188 
LYS CD   C  N N 189 
LYS CE   C  N N 190 
LYS NZ   N  N N 191 
LYS OXT  O  N N 192 
LYS H    H  N N 193 
LYS H2   H  N N 194 
LYS HA   H  N N 195 
LYS HB2  H  N N 196 
LYS HB3  H  N N 197 
LYS HG2  H  N N 198 
LYS HG3  H  N N 199 
LYS HD2  H  N N 200 
LYS HD3  H  N N 201 
LYS HE2  H  N N 202 
LYS HE3  H  N N 203 
LYS HZ1  H  N N 204 
LYS HZ2  H  N N 205 
LYS HZ3  H  N N 206 
LYS HXT  H  N N 207 
PHE N    N  N N 208 
PHE CA   C  N S 209 
PHE C    C  N N 210 
PHE O    O  N N 211 
PHE CB   C  N N 212 
PHE CG   C  Y N 213 
PHE CD1  C  Y N 214 
PHE CD2  C  Y N 215 
PHE CE1  C  Y N 216 
PHE CE2  C  Y N 217 
PHE CZ   C  Y N 218 
PHE OXT  O  N N 219 
PHE H    H  N N 220 
PHE H2   H  N N 221 
PHE HA   H  N N 222 
PHE HB2  H  N N 223 
PHE HB3  H  N N 224 
PHE HD1  H  N N 225 
PHE HD2  H  N N 226 
PHE HE1  H  N N 227 
PHE HE2  H  N N 228 
PHE HZ   H  N N 229 
PHE HXT  H  N N 230 
PRO N    N  N N 231 
PRO CA   C  N S 232 
PRO C    C  N N 233 
PRO O    O  N N 234 
PRO CB   C  N N 235 
PRO CG   C  N N 236 
PRO CD   C  N N 237 
PRO OXT  O  N N 238 
PRO H    H  N N 239 
PRO HA   H  N N 240 
PRO HB2  H  N N 241 
PRO HB3  H  N N 242 
PRO HG2  H  N N 243 
PRO HG3  H  N N 244 
PRO HD2  H  N N 245 
PRO HD3  H  N N 246 
PRO HXT  H  N N 247 
SER N    N  N N 248 
SER CA   C  N S 249 
SER C    C  N N 250 
SER O    O  N N 251 
SER CB   C  N N 252 
SER OG   O  N N 253 
SER OXT  O  N N 254 
SER H    H  N N 255 
SER H2   H  N N 256 
SER HA   H  N N 257 
SER HB2  H  N N 258 
SER HB3  H  N N 259 
SER HG   H  N N 260 
SER HXT  H  N N 261 
SO4 S    S  N N 262 
SO4 O1   O  N N 263 
SO4 O2   O  N N 264 
SO4 O3   O  N N 265 
SO4 O4   O  N N 266 
THR N    N  N N 267 
THR CA   C  N S 268 
THR C    C  N N 269 
THR O    O  N N 270 
THR CB   C  N R 271 
THR OG1  O  N N 272 
THR CG2  C  N N 273 
THR OXT  O  N N 274 
THR H    H  N N 275 
THR H2   H  N N 276 
THR HA   H  N N 277 
THR HB   H  N N 278 
THR HG1  H  N N 279 
THR HG21 H  N N 280 
THR HG22 H  N N 281 
THR HG23 H  N N 282 
THR HXT  H  N N 283 
TRP N    N  N N 284 
TRP CA   C  N S 285 
TRP C    C  N N 286 
TRP O    O  N N 287 
TRP CB   C  N N 288 
TRP CG   C  Y N 289 
TRP CD1  C  Y N 290 
TRP CD2  C  Y N 291 
TRP NE1  N  Y N 292 
TRP CE2  C  Y N 293 
TRP CE3  C  Y N 294 
TRP CZ2  C  Y N 295 
TRP CZ3  C  Y N 296 
TRP CH2  C  Y N 297 
TRP OXT  O  N N 298 
TRP H    H  N N 299 
TRP H2   H  N N 300 
TRP HA   H  N N 301 
TRP HB2  H  N N 302 
TRP HB3  H  N N 303 
TRP HD1  H  N N 304 
TRP HE1  H  N N 305 
TRP HE3  H  N N 306 
TRP HZ2  H  N N 307 
TRP HZ3  H  N N 308 
TRP HH2  H  N N 309 
TRP HXT  H  N N 310 
TYR N    N  N N 311 
TYR CA   C  N S 312 
TYR C    C  N N 313 
TYR O    O  N N 314 
TYR CB   C  N N 315 
TYR CG   C  Y N 316 
TYR CD1  C  Y N 317 
TYR CD2  C  Y N 318 
TYR CE1  C  Y N 319 
TYR CE2  C  Y N 320 
TYR CZ   C  Y N 321 
TYR OH   O  N N 322 
TYR OXT  O  N N 323 
TYR H    H  N N 324 
TYR H2   H  N N 325 
TYR HA   H  N N 326 
TYR HB2  H  N N 327 
TYR HB3  H  N N 328 
TYR HD1  H  N N 329 
TYR HD2  H  N N 330 
TYR HE1  H  N N 331 
TYR HE2  H  N N 332 
TYR HH   H  N N 333 
TYR HXT  H  N N 334 
VAL N    N  N N 335 
VAL CA   C  N S 336 
VAL C    C  N N 337 
VAL O    O  N N 338 
VAL CB   C  N N 339 
VAL CG1  C  N N 340 
VAL CG2  C  N N 341 
VAL OXT  O  N N 342 
VAL H    H  N N 343 
VAL H2   H  N N 344 
VAL HA   H  N N 345 
VAL HB   H  N N 346 
VAL HG11 H  N N 347 
VAL HG12 H  N N 348 
VAL HG13 H  N N 349 
VAL HG21 H  N N 350 
VAL HG22 H  N N 351 
VAL HG23 H  N N 352 
VAL HXT  H  N N 353 
ZN  ZN   ZN N N 354 
# 
loop_
_chem_comp_bond.comp_id 
_chem_comp_bond.atom_id_1 
_chem_comp_bond.atom_id_2 
_chem_comp_bond.value_order 
_chem_comp_bond.pdbx_aromatic_flag 
_chem_comp_bond.pdbx_stereo_config 
_chem_comp_bond.pdbx_ordinal 
ALA N   CA   sing N N 1   
ALA N   H    sing N N 2   
ALA N   H2   sing N N 3   
ALA CA  C    sing N N 4   
ALA CA  CB   sing N N 5   
ALA CA  HA   sing N N 6   
ALA C   O    doub N N 7   
ALA C   OXT  sing N N 8   
ALA CB  HB1  sing N N 9   
ALA CB  HB2  sing N N 10  
ALA CB  HB3  sing N N 11  
ALA OXT HXT  sing N N 12  
ARG N   CA   sing N N 13  
ARG N   H    sing N N 14  
ARG N   H2   sing N N 15  
ARG CA  C    sing N N 16  
ARG CA  CB   sing N N 17  
ARG CA  HA   sing N N 18  
ARG C   O    doub N N 19  
ARG C   OXT  sing N N 20  
ARG CB  CG   sing N N 21  
ARG CB  HB2  sing N N 22  
ARG CB  HB3  sing N N 23  
ARG CG  CD   sing N N 24  
ARG CG  HG2  sing N N 25  
ARG CG  HG3  sing N N 26  
ARG CD  NE   sing N N 27  
ARG CD  HD2  sing N N 28  
ARG CD  HD3  sing N N 29  
ARG NE  CZ   sing N N 30  
ARG NE  HE   sing N N 31  
ARG CZ  NH1  sing N N 32  
ARG CZ  NH2  doub N N 33  
ARG NH1 HH11 sing N N 34  
ARG NH1 HH12 sing N N 35  
ARG NH2 HH21 sing N N 36  
ARG NH2 HH22 sing N N 37  
ARG OXT HXT  sing N N 38  
ASN N   CA   sing N N 39  
ASN N   H    sing N N 40  
ASN N   H2   sing N N 41  
ASN CA  C    sing N N 42  
ASN CA  CB   sing N N 43  
ASN CA  HA   sing N N 44  
ASN C   O    doub N N 45  
ASN C   OXT  sing N N 46  
ASN CB  CG   sing N N 47  
ASN CB  HB2  sing N N 48  
ASN CB  HB3  sing N N 49  
ASN CG  OD1  doub N N 50  
ASN CG  ND2  sing N N 51  
ASN ND2 HD21 sing N N 52  
ASN ND2 HD22 sing N N 53  
ASN OXT HXT  sing N N 54  
ASP N   CA   sing N N 55  
ASP N   H    sing N N 56  
ASP N   H2   sing N N 57  
ASP CA  C    sing N N 58  
ASP CA  CB   sing N N 59  
ASP CA  HA   sing N N 60  
ASP C   O    doub N N 61  
ASP C   OXT  sing N N 62  
ASP CB  CG   sing N N 63  
ASP CB  HB2  sing N N 64  
ASP CB  HB3  sing N N 65  
ASP CG  OD1  doub N N 66  
ASP CG  OD2  sing N N 67  
ASP OD2 HD2  sing N N 68  
ASP OXT HXT  sing N N 69  
CYS N   CA   sing N N 70  
CYS N   H    sing N N 71  
CYS N   H2   sing N N 72  
CYS CA  C    sing N N 73  
CYS CA  CB   sing N N 74  
CYS CA  HA   sing N N 75  
CYS C   O    doub N N 76  
CYS C   OXT  sing N N 77  
CYS CB  SG   sing N N 78  
CYS CB  HB2  sing N N 79  
CYS CB  HB3  sing N N 80  
CYS SG  HG   sing N N 81  
CYS OXT HXT  sing N N 82  
GLN N   CA   sing N N 83  
GLN N   H    sing N N 84  
GLN N   H2   sing N N 85  
GLN CA  C    sing N N 86  
GLN CA  CB   sing N N 87  
GLN CA  HA   sing N N 88  
GLN C   O    doub N N 89  
GLN C   OXT  sing N N 90  
GLN CB  CG   sing N N 91  
GLN CB  HB2  sing N N 92  
GLN CB  HB3  sing N N 93  
GLN CG  CD   sing N N 94  
GLN CG  HG2  sing N N 95  
GLN CG  HG3  sing N N 96  
GLN CD  OE1  doub N N 97  
GLN CD  NE2  sing N N 98  
GLN NE2 HE21 sing N N 99  
GLN NE2 HE22 sing N N 100 
GLN OXT HXT  sing N N 101 
GLU N   CA   sing N N 102 
GLU N   H    sing N N 103 
GLU N   H2   sing N N 104 
GLU CA  C    sing N N 105 
GLU CA  CB   sing N N 106 
GLU CA  HA   sing N N 107 
GLU C   O    doub N N 108 
GLU C   OXT  sing N N 109 
GLU CB  CG   sing N N 110 
GLU CB  HB2  sing N N 111 
GLU CB  HB3  sing N N 112 
GLU CG  CD   sing N N 113 
GLU CG  HG2  sing N N 114 
GLU CG  HG3  sing N N 115 
GLU CD  OE1  doub N N 116 
GLU CD  OE2  sing N N 117 
GLU OE2 HE2  sing N N 118 
GLU OXT HXT  sing N N 119 
GLY N   CA   sing N N 120 
GLY N   H    sing N N 121 
GLY N   H2   sing N N 122 
GLY CA  C    sing N N 123 
GLY CA  HA2  sing N N 124 
GLY CA  HA3  sing N N 125 
GLY C   O    doub N N 126 
GLY C   OXT  sing N N 127 
GLY OXT HXT  sing N N 128 
HIS N   CA   sing N N 129 
HIS N   H    sing N N 130 
HIS N   H2   sing N N 131 
HIS CA  C    sing N N 132 
HIS CA  CB   sing N N 133 
HIS CA  HA   sing N N 134 
HIS C   O    doub N N 135 
HIS C   OXT  sing N N 136 
HIS CB  CG   sing N N 137 
HIS CB  HB2  sing N N 138 
HIS CB  HB3  sing N N 139 
HIS CG  ND1  sing Y N 140 
HIS CG  CD2  doub Y N 141 
HIS ND1 CE1  doub Y N 142 
HIS ND1 HD1  sing N N 143 
HIS CD2 NE2  sing Y N 144 
HIS CD2 HD2  sing N N 145 
HIS CE1 NE2  sing Y N 146 
HIS CE1 HE1  sing N N 147 
HIS NE2 HE2  sing N N 148 
HIS OXT HXT  sing N N 149 
HOH O   H1   sing N N 150 
HOH O   H2   sing N N 151 
LEU N   CA   sing N N 152 
LEU N   H    sing N N 153 
LEU N   H2   sing N N 154 
LEU CA  C    sing N N 155 
LEU CA  CB   sing N N 156 
LEU CA  HA   sing N N 157 
LEU C   O    doub N N 158 
LEU C   OXT  sing N N 159 
LEU CB  CG   sing N N 160 
LEU CB  HB2  sing N N 161 
LEU CB  HB3  sing N N 162 
LEU CG  CD1  sing N N 163 
LEU CG  CD2  sing N N 164 
LEU CG  HG   sing N N 165 
LEU CD1 HD11 sing N N 166 
LEU CD1 HD12 sing N N 167 
LEU CD1 HD13 sing N N 168 
LEU CD2 HD21 sing N N 169 
LEU CD2 HD22 sing N N 170 
LEU CD2 HD23 sing N N 171 
LEU OXT HXT  sing N N 172 
LYS N   CA   sing N N 173 
LYS N   H    sing N N 174 
LYS N   H2   sing N N 175 
LYS CA  C    sing N N 176 
LYS CA  CB   sing N N 177 
LYS CA  HA   sing N N 178 
LYS C   O    doub N N 179 
LYS C   OXT  sing N N 180 
LYS CB  CG   sing N N 181 
LYS CB  HB2  sing N N 182 
LYS CB  HB3  sing N N 183 
LYS CG  CD   sing N N 184 
LYS CG  HG2  sing N N 185 
LYS CG  HG3  sing N N 186 
LYS CD  CE   sing N N 187 
LYS CD  HD2  sing N N 188 
LYS CD  HD3  sing N N 189 
LYS CE  NZ   sing N N 190 
LYS CE  HE2  sing N N 191 
LYS CE  HE3  sing N N 192 
LYS NZ  HZ1  sing N N 193 
LYS NZ  HZ2  sing N N 194 
LYS NZ  HZ3  sing N N 195 
LYS OXT HXT  sing N N 196 
PHE N   CA   sing N N 197 
PHE N   H    sing N N 198 
PHE N   H2   sing N N 199 
PHE CA  C    sing N N 200 
PHE CA  CB   sing N N 201 
PHE CA  HA   sing N N 202 
PHE C   O    doub N N 203 
PHE C   OXT  sing N N 204 
PHE CB  CG   sing N N 205 
PHE CB  HB2  sing N N 206 
PHE CB  HB3  sing N N 207 
PHE CG  CD1  doub Y N 208 
PHE CG  CD2  sing Y N 209 
PHE CD1 CE1  sing Y N 210 
PHE CD1 HD1  sing N N 211 
PHE CD2 CE2  doub Y N 212 
PHE CD2 HD2  sing N N 213 
PHE CE1 CZ   doub Y N 214 
PHE CE1 HE1  sing N N 215 
PHE CE2 CZ   sing Y N 216 
PHE CE2 HE2  sing N N 217 
PHE CZ  HZ   sing N N 218 
PHE OXT HXT  sing N N 219 
PRO N   CA   sing N N 220 
PRO N   CD   sing N N 221 
PRO N   H    sing N N 222 
PRO CA  C    sing N N 223 
PRO CA  CB   sing N N 224 
PRO CA  HA   sing N N 225 
PRO C   O    doub N N 226 
PRO C   OXT  sing N N 227 
PRO CB  CG   sing N N 228 
PRO CB  HB2  sing N N 229 
PRO CB  HB3  sing N N 230 
PRO CG  CD   sing N N 231 
PRO CG  HG2  sing N N 232 
PRO CG  HG3  sing N N 233 
PRO CD  HD2  sing N N 234 
PRO CD  HD3  sing N N 235 
PRO OXT HXT  sing N N 236 
SER N   CA   sing N N 237 
SER N   H    sing N N 238 
SER N   H2   sing N N 239 
SER CA  C    sing N N 240 
SER CA  CB   sing N N 241 
SER CA  HA   sing N N 242 
SER C   O    doub N N 243 
SER C   OXT  sing N N 244 
SER CB  OG   sing N N 245 
SER CB  HB2  sing N N 246 
SER CB  HB3  sing N N 247 
SER OG  HG   sing N N 248 
SER OXT HXT  sing N N 249 
SO4 S   O1   doub N N 250 
SO4 S   O2   doub N N 251 
SO4 S   O3   sing N N 252 
SO4 S   O4   sing N N 253 
THR N   CA   sing N N 254 
THR N   H    sing N N 255 
THR N   H2   sing N N 256 
THR CA  C    sing N N 257 
THR CA  CB   sing N N 258 
THR CA  HA   sing N N 259 
THR C   O    doub N N 260 
THR C   OXT  sing N N 261 
THR CB  OG1  sing N N 262 
THR CB  CG2  sing N N 263 
THR CB  HB   sing N N 264 
THR OG1 HG1  sing N N 265 
THR CG2 HG21 sing N N 266 
THR CG2 HG22 sing N N 267 
THR CG2 HG23 sing N N 268 
THR OXT HXT  sing N N 269 
TRP N   CA   sing N N 270 
TRP N   H    sing N N 271 
TRP N   H2   sing N N 272 
TRP CA  C    sing N N 273 
TRP CA  CB   sing N N 274 
TRP CA  HA   sing N N 275 
TRP C   O    doub N N 276 
TRP C   OXT  sing N N 277 
TRP CB  CG   sing N N 278 
TRP CB  HB2  sing N N 279 
TRP CB  HB3  sing N N 280 
TRP CG  CD1  doub Y N 281 
TRP CG  CD2  sing Y N 282 
TRP CD1 NE1  sing Y N 283 
TRP CD1 HD1  sing N N 284 
TRP CD2 CE2  doub Y N 285 
TRP CD2 CE3  sing Y N 286 
TRP NE1 CE2  sing Y N 287 
TRP NE1 HE1  sing N N 288 
TRP CE2 CZ2  sing Y N 289 
TRP CE3 CZ3  doub Y N 290 
TRP CE3 HE3  sing N N 291 
TRP CZ2 CH2  doub Y N 292 
TRP CZ2 HZ2  sing N N 293 
TRP CZ3 CH2  sing Y N 294 
TRP CZ3 HZ3  sing N N 295 
TRP CH2 HH2  sing N N 296 
TRP OXT HXT  sing N N 297 
TYR N   CA   sing N N 298 
TYR N   H    sing N N 299 
TYR N   H2   sing N N 300 
TYR CA  C    sing N N 301 
TYR CA  CB   sing N N 302 
TYR CA  HA   sing N N 303 
TYR C   O    doub N N 304 
TYR C   OXT  sing N N 305 
TYR CB  CG   sing N N 306 
TYR CB  HB2  sing N N 307 
TYR CB  HB3  sing N N 308 
TYR CG  CD1  doub Y N 309 
TYR CG  CD2  sing Y N 310 
TYR CD1 CE1  sing Y N 311 
TYR CD1 HD1  sing N N 312 
TYR CD2 CE2  doub Y N 313 
TYR CD2 HD2  sing N N 314 
TYR CE1 CZ   doub Y N 315 
TYR CE1 HE1  sing N N 316 
TYR CE2 CZ   sing Y N 317 
TYR CE2 HE2  sing N N 318 
TYR CZ  OH   sing N N 319 
TYR OH  HH   sing N N 320 
TYR OXT HXT  sing N N 321 
VAL N   CA   sing N N 322 
VAL N   H    sing N N 323 
VAL N   H2   sing N N 324 
VAL CA  C    sing N N 325 
VAL CA  CB   sing N N 326 
VAL CA  HA   sing N N 327 
VAL C   O    doub N N 328 
VAL C   OXT  sing N N 329 
VAL CB  CG1  sing N N 330 
VAL CB  CG2  sing N N 331 
VAL CB  HB   sing N N 332 
VAL CG1 HG11 sing N N 333 
VAL CG1 HG12 sing N N 334 
VAL CG1 HG13 sing N N 335 
VAL CG2 HG21 sing N N 336 
VAL CG2 HG22 sing N N 337 
VAL CG2 HG23 sing N N 338 
VAL OXT HXT  sing N N 339 
# 
_atom_sites.entry_id                    5U6Z 
_atom_sites.fract_transf_matrix[1][1]   0.00392059 
_atom_sites.fract_transf_matrix[1][2]   -0.00269579 
_atom_sites.fract_transf_matrix[1][3]   0.00999533 
_atom_sites.fract_transf_matrix[2][1]   0.00436196 
_atom_sites.fract_transf_matrix[2][2]   0.01012320 
_atom_sites.fract_transf_matrix[2][3]   0.00101933 
_atom_sites.fract_transf_matrix[3][1]   -0.03670742 
_atom_sites.fract_transf_matrix[3][2]   0.01398711 
_atom_sites.fract_transf_matrix[3][3]   0.01817061 
_atom_sites.fract_transf_vector[1]      0.395966 
_atom_sites.fract_transf_vector[2]      0.229084 
_atom_sites.fract_transf_vector[3]      0.860019 
# 
loop_
_atom_type.symbol 
C  
N  
O  
S  
ZN 
# 
loop_
_atom_site.group_PDB 
_atom_site.id 
_atom_site.type_symbol 
_atom_site.label_atom_id 
_atom_site.label_alt_id 
_atom_site.label_comp_id 
_atom_site.label_asym_id 
_atom_site.label_entity_id 
_atom_site.label_seq_id 
_atom_site.pdbx_PDB_ins_code 
_atom_site.Cartn_x 
_atom_site.Cartn_y 
_atom_site.Cartn_z 
_atom_site.occupancy 
_atom_site.B_iso_or_equiv 
_atom_site.pdbx_formal_charge 
_atom_site.auth_seq_id 
_atom_site.auth_comp_id 
_atom_site.auth_asym_id 
_atom_site.auth_atom_id 
_atom_site.pdbx_PDB_model_num 
ATOM   1   N  N   . ASN A 1 2  ? -12.421 -12.363 -31.344 1.00 75.64 ? 2   ASN A N   1 
ATOM   2   C  CA  . ASN A 1 2  ? -11.517 -12.972 -30.368 1.00 75.64 ? 2   ASN A CA  1 
ATOM   3   C  C   . ASN A 1 2  ? -12.003 -12.867 -28.928 1.00 69.82 ? 2   ASN A C   1 
ATOM   4   O  O   . ASN A 1 2  ? -11.210 -12.683 -28.026 1.00 68.84 ? 2   ASN A O   1 
ATOM   5   C  CB  . ASN A 1 2  ? -10.122 -12.354 -30.481 1.00 70.59 ? 2   ASN A CB  1 
ATOM   6   N  N   . ALA A 1 3  ? -13.311 -12.942 -28.747 1.00 63.87 ? 3   ALA A N   1 
ATOM   7   C  CA  . ALA A 1 3  ? -13.957 -12.727 -27.467 1.00 61.23 ? 3   ALA A CA  1 
ATOM   8   C  C   . ALA A 1 3  ? -13.706 -13.734 -26.369 1.00 62.44 ? 3   ALA A C   1 
ATOM   9   O  O   . ALA A 1 3  ? -13.578 -13.367 -25.221 1.00 61.16 ? 3   ALA A O   1 
ATOM   10  C  CB  . ALA A 1 3  ? -15.450 -12.550 -27.668 1.00 53.21 ? 3   ALA A CB  1 
ATOM   11  N  N   . GLN A 1 4  ? -13.716 -15.007 -26.710 1.00 58.63 ? 4   GLN A N   1 
ATOM   12  C  CA  . GLN A 1 4  ? -13.626 -16.032 -25.702 1.00 55.89 ? 4   GLN A CA  1 
ATOM   13  C  C   . GLN A 1 4  ? -12.319 -16.002 -24.994 1.00 63.25 ? 4   GLN A C   1 
ATOM   14  O  O   . GLN A 1 4  ? -12.268 -15.887 -23.790 1.00 59.48 ? 4   GLN A O   1 
ATOM   15  C  CB  . GLN A 1 4  ? -13.715 -17.389 -26.384 1.00 59.81 ? 4   GLN A CB  1 
ATOM   16  C  CG  . GLN A 1 4  ? -12.989 -17.449 -27.716 1.00 62.00 ? 4   GLN A CG  1 
ATOM   17  C  CD  . GLN A 1 4  ? -13.883 -17.875 -28.874 1.00 63.59 ? 4   GLN A CD  1 
ATOM   18  O  OE1 . GLN A 1 4  ? -14.916 -18.514 -28.688 1.00 66.97 ? 4   GLN A OE1 1 
ATOM   19  N  NE2 . GLN A 1 4  ? -13.472 -17.536 -30.071 1.00 54.49 ? 4   GLN A NE2 1 
ATOM   20  N  N   . THR A 1 5  ? -11.249 -15.980 -25.764 1.00 67.41 ? 5   THR A N   1 
ATOM   21  C  CA  . THR A 1 5  ? -9.914  -16.008 -25.191 1.00 58.85 ? 5   THR A CA  1 
ATOM   22  C  C   . THR A 1 5  ? -9.761  -14.760 -24.382 1.00 56.10 ? 5   THR A C   1 
ATOM   23  O  O   . THR A 1 5  ? -9.054  -14.722 -23.412 1.00 59.24 ? 5   THR A O   1 
ATOM   24  C  CB  . THR A 1 5  ? -8.816  -16.151 -26.257 1.00 67.26 ? 5   THR A CB  1 
ATOM   25  O  OG1 . THR A 1 5  ? -9.342  -16.844 -27.394 1.00 62.70 ? 5   THR A OG1 1 
ATOM   26  C  CG2 . THR A 1 5  ? -7.648  -16.949 -25.717 1.00 58.15 ? 5   THR A CG2 1 
ATOM   27  N  N   . ALA A 1 6  ? -10.396 -13.707 -24.841 1.00 60.49 ? 6   ALA A N   1 
ATOM   28  C  CA  . ALA A 1 6  ? -10.398 -12.466 -24.133 1.00 63.51 ? 6   ALA A CA  1 
ATOM   29  C  C   . ALA A 1 6  ? -11.081 -12.570 -22.784 1.00 53.95 ? 6   ALA A C   1 
ATOM   30  O  O   . ALA A 1 6  ? -10.651 -11.932 -21.848 1.00 51.30 ? 6   ALA A O   1 
ATOM   31  C  CB  . ALA A 1 6  ? -11.001 -11.363 -24.993 1.00 54.62 ? 6   ALA A CB  1 
ATOM   32  N  N   . PHE A 1 7  ? -12.157 -13.329 -22.686 1.00 45.55 ? 7   PHE A N   1 
ATOM   33  C  CA  . PHE A 1 7  ? -12.973 -13.265 -21.486 1.00 44.70 ? 7   PHE A CA  1 
ATOM   34  C  C   . PHE A 1 7  ? -12.267 -13.780 -20.260 1.00 45.35 ? 7   PHE A C   1 
ATOM   35  O  O   . PHE A 1 7  ? -12.500 -13.331 -19.185 1.00 45.24 ? 7   PHE A O   1 
ATOM   36  C  CB  . PHE A 1 7  ? -14.358 -13.889 -21.700 1.00 40.76 ? 7   PHE A CB  1 
ATOM   37  C  CG  . PHE A 1 7  ? -14.501 -15.270 -21.170 1.00 46.19 ? 7   PHE A CG  1 
ATOM   38  C  CD1 . PHE A 1 7  ? -14.894 -15.462 -19.890 1.00 45.45 ? 7   PHE A CD1 1 
ATOM   39  C  CD2 . PHE A 1 7  ? -14.179 -16.352 -21.933 1.00 47.79 ? 7   PHE A CD2 1 
ATOM   40  C  CE1 . PHE A 1 7  ? -14.993 -16.710 -19.379 1.00 40.86 ? 7   PHE A CE1 1 
ATOM   41  C  CE2 . PHE A 1 7  ? -14.277 -17.606 -21.429 1.00 44.30 ? 7   PHE A CE2 1 
ATOM   42  C  CZ  . PHE A 1 7  ? -14.684 -17.780 -20.152 1.00 41.49 ? 7   PHE A CZ  1 
ATOM   43  N  N   . TRP A 1 8  ? -11.444 -14.776 -20.435 1.00 45.40 ? 8   TRP A N   1 
ATOM   44  C  CA  . TRP A 1 8  ? -10.741 -15.312 -19.277 1.00 43.34 ? 8   TRP A CA  1 
ATOM   45  C  C   . TRP A 1 8  ? -9.469  -14.566 -18.942 1.00 44.79 ? 8   TRP A C   1 
ATOM   46  O  O   . TRP A 1 8  ? -9.050  -14.572 -17.793 1.00 46.76 ? 8   TRP A O   1 
ATOM   47  C  CB  . TRP A 1 8  ? -10.517 -16.823 -19.317 1.00 42.04 ? 8   TRP A CB  1 
ATOM   48  C  CG  . TRP A 1 8  ? -9.716  -17.339 -20.445 1.00 41.13 ? 8   TRP A CG  1 
ATOM   49  C  CD1 . TRP A 1 8  ? -10.189 -17.935 -21.555 1.00 40.42 ? 8   TRP A CD1 1 
ATOM   50  C  CD2 . TRP A 1 8  ? -8.285  -17.356 -20.556 1.00 43.26 ? 8   TRP A CD2 1 
ATOM   51  N  NE1 . TRP A 1 8  ? -9.160  -18.302 -22.374 1.00 40.07 ? 8   TRP A NE1 1 
ATOM   52  C  CE2 . TRP A 1 8  ? -7.976  -17.961 -21.792 1.00 38.03 ? 8   TRP A CE2 1 
ATOM   53  C  CE3 . TRP A 1 8  ? -7.237  -16.910 -19.740 1.00 40.74 ? 8   TRP A CE3 1 
ATOM   54  C  CZ2 . TRP A 1 8  ? -6.665  -18.147 -22.235 1.00 40.36 ? 8   TRP A CZ2 1 
ATOM   55  C  CZ3 . TRP A 1 8  ? -5.931  -17.084 -20.187 1.00 39.30 ? 8   TRP A CZ3 1 
ATOM   56  C  CH2 . TRP A 1 8  ? -5.656  -17.693 -21.423 1.00 39.89 ? 8   TRP A CH2 1 
ATOM   57  N  N   . LYS A 1 9  ? -8.850  -13.917 -19.919 1.00 45.61 ? 9   LYS A N   1 
ATOM   58  C  CA  . LYS A 1 9  ? -7.744  -13.010 -19.598 1.00 45.20 ? 9   LYS A CA  1 
ATOM   59  C  C   . LYS A 1 9  ? -8.147  -12.019 -18.517 1.00 44.20 ? 9   LYS A C   1 
ATOM   60  O  O   . LYS A 1 9  ? -7.347  -11.703 -17.623 1.00 42.24 ? 9   LYS A O   1 
ATOM   61  C  CB  . LYS A 1 9  ? -7.221  -12.270 -20.842 1.00 46.13 ? 9   LYS A CB  1 
ATOM   62  C  CG  . LYS A 1 9  ? -6.261  -13.102 -21.664 1.00 51.11 ? 9   LYS A CG  1 
ATOM   63  C  CD  . LYS A 1 9  ? -5.121  -12.292 -22.221 1.00 54.26 ? 9   LYS A CD  1 
ATOM   64  C  CE  . LYS A 1 9  ? -5.383  -11.900 -23.672 1.00 61.43 ? 9   LYS A CE  1 
ATOM   65  N  NZ  . LYS A 1 9  ? -4.508  -10.788 -24.187 1.00 50.77 ? 9   LYS A NZ  1 
ATOM   66  N  N   . SER A 1 10 ? -9.387  -11.541 -18.560 1.00 43.48 ? 10  SER A N   1 
ATOM   67  C  CA  . SER A 1 10 ? -9.759  -10.601 -17.507 1.00 40.50 ? 10  SER A CA  1 
ATOM   68  C  C   . SER A 1 10 ? -9.664  -11.203 -16.093 1.00 47.16 ? 10  SER A C   1 
ATOM   69  O  O   . SER A 1 10 ? -9.200  -10.541 -15.180 1.00 49.30 ? 10  SER A O   1 
ATOM   70  C  CB  . SER A 1 10 ? -11.123 -9.985  -17.770 1.00 40.54 ? 10  SER A CB  1 
ATOM   71  O  OG  . SER A 1 10 ? -12.125 -10.658 -17.053 1.00 42.75 ? 10  SER A OG  1 
ATOM   72  N  N   . LEU A 1 11 ? -10.066 -12.464 -15.930 1.00 47.09 ? 11  LEU A N   1 
ATOM   73  C  CA  . LEU A 1 11 ? -10.102 -13.124 -14.629 1.00 45.71 ? 11  LEU A CA  1 
ATOM   74  C  C   . LEU A 1 11 ? -8.731  -13.401 -14.036 1.00 46.57 ? 11  LEU A C   1 
ATOM   75  O  O   . LEU A 1 11 ? -8.619  -13.786 -12.867 1.00 42.77 ? 11  LEU A O   1 
ATOM   76  C  CB  . LEU A 1 11 ? -10.814 -14.467 -14.743 1.00 47.04 ? 11  LEU A CB  1 
ATOM   77  C  CG  . LEU A 1 11 ? -12.284 -14.514 -15.137 1.00 49.09 ? 11  LEU A CG  1 
ATOM   78  C  CD1 . LEU A 1 11 ? -12.547 -15.932 -15.615 1.00 54.10 ? 11  LEU A CD1 1 
ATOM   79  C  CD2 . LEU A 1 11 ? -13.198 -14.185 -13.970 1.00 43.29 ? 11  LEU A CD2 1 
ATOM   80  N  N   . LEU A 1 12 ? -7.691  -13.238 -14.840 1.00 44.39 ? 12  LEU A N   1 
ATOM   81  C  CA  . LEU A 1 12 ? -6.351  -13.478 -14.336 1.00 46.40 ? 12  LEU A CA  1 
ATOM   82  C  C   . LEU A 1 12 ? -5.717  -12.203 -13.729 1.00 47.57 ? 12  LEU A C   1 
ATOM   83  O  O   . LEU A 1 12 ? -4.625  -12.265 -13.184 1.00 46.29 ? 12  LEU A O   1 
ATOM   84  C  CB  . LEU A 1 12 ? -5.463  -14.036 -15.443 1.00 43.79 ? 12  LEU A CB  1 
ATOM   85  C  CG  . LEU A 1 12 ? -5.715  -15.462 -15.920 1.00 49.53 ? 12  LEU A CG  1 
ATOM   86  C  CD1 . LEU A 1 12 ? -4.700  -15.826 -17.019 1.00 47.16 ? 12  LEU A CD1 1 
ATOM   87  C  CD2 . LEU A 1 12 ? -5.695  -16.472 -14.757 1.00 43.72 ? 12  LEU A CD2 1 
ATOM   88  N  N   . LYS A 1 13 ? -6.426  -11.078 -13.832 1.00 47.19 ? 13  LYS A N   1 
ATOM   89  C  CA  . LYS A 1 13 ? -5.956  -9.761  -13.401 1.00 51.41 ? 13  LYS A CA  1 
ATOM   90  C  C   . LYS A 1 13 ? -6.197  -9.537  -11.922 1.00 53.78 ? 13  LYS A C   1 
ATOM   91  O  O   . LYS A 1 13 ? -7.345  -9.329  -11.497 1.00 52.51 ? 13  LYS A O   1 
ATOM   92  C  CB  . LYS A 1 13 ? -6.669  -8.649  -14.174 1.00 51.58 ? 13  LYS A CB  1 
ATOM   93  C  CG  . LYS A 1 13 ? -6.200  -8.481  -15.622 1.00 55.73 ? 13  LYS A CG  1 
ATOM   94  C  CD  . LYS A 1 13 ? -5.406  -7.176  -15.801 1.00 64.65 ? 13  LYS A CD  1 
ATOM   95  C  CE  . LYS A 1 13 ? -4.793  -7.058  -17.207 1.00 66.21 ? 13  LYS A CE  1 
ATOM   96  N  NZ  . LYS A 1 13 ? -3.940  -5.809  -17.336 1.00 70.62 ? 13  LYS A NZ  1 
ATOM   97  N  N   . GLY A 1 14 ? -5.107  -9.558  -11.153 1.00 53.57 ? 14  GLY A N   1 
ATOM   98  C  CA  . GLY A 1 14 ? -5.169  -9.337  -9.722  1.00 54.83 ? 14  GLY A CA  1 
ATOM   99  C  C   . GLY A 1 14 ? -5.487  -7.902  -9.361  1.00 50.29 ? 14  GLY A C   1 
ATOM   100 O  O   . GLY A 1 14 ? -5.531  -7.023  -10.230 1.00 48.63 ? 14  GLY A O   1 
ATOM   101 N  N   . PRO A 1 15 ? -5.733  -7.664  -8.062  1.00 56.40 ? 15  PRO A N   1 
ATOM   102 C  CA  . PRO A 1 15 ? -6.005  -6.336  -7.486  1.00 54.38 ? 15  PRO A CA  1 
ATOM   103 C  C   . PRO A 1 15 ? -4.956  -5.330  -7.948  1.00 52.92 ? 15  PRO A C   1 
ATOM   104 O  O   . PRO A 1 15 ? -3.840  -5.741  -8.255  1.00 53.48 ? 15  PRO A O   1 
ATOM   105 C  CB  . PRO A 1 15 ? -5.870  -6.574  -5.985  1.00 52.03 ? 15  PRO A CB  1 
ATOM   106 C  CG  . PRO A 1 15 ? -6.241  -8.021  -5.798  1.00 56.02 ? 15  PRO A CG  1 
ATOM   107 C  CD  . PRO A 1 15 ? -5.792  -8.742  -7.052  1.00 54.97 ? 15  PRO A CD  1 
ATOM   108 N  N   . PRO A 1 16 ? -5.316  -4.038  -8.040  1.00 53.48 ? 16  PRO A N   1 
ATOM   109 C  CA  . PRO A 1 16 ? -4.321  -3.045  -8.465  1.00 53.18 ? 16  PRO A CA  1 
ATOM   110 C  C   . PRO A 1 16 ? -3.114  -3.012  -7.527  1.00 52.03 ? 16  PRO A C   1 
ATOM   111 O  O   . PRO A 1 16 ? -3.223  -3.409  -6.367  1.00 47.66 ? 16  PRO A O   1 
ATOM   112 C  CB  . PRO A 1 16 ? -5.096  -1.723  -8.403  1.00 52.64 ? 16  PRO A CB  1 
ATOM   113 C  CG  . PRO A 1 16 ? -6.523  -2.120  -8.643  1.00 54.40 ? 16  PRO A CG  1 
ATOM   114 C  CD  . PRO A 1 16 ? -6.671  -3.459  -7.943  1.00 53.54 ? 16  PRO A CD  1 
ATOM   115 N  N   . PRO A 1 17 ? -1.959  -2.539  -8.027  1.00 54.21 ? 17  PRO A N   1 
ATOM   116 C  CA  . PRO A 1 17 ? -0.780  -2.537  -7.159  1.00 50.52 ? 17  PRO A CA  1 
ATOM   117 C  C   . PRO A 1 17 ? -1.021  -1.594  -5.995  1.00 46.29 ? 17  PRO A C   1 
ATOM   118 O  O   . PRO A 1 17 ? -1.947  -0.778  -6.051  1.00 44.86 ? 17  PRO A O   1 
ATOM   119 C  CB  . PRO A 1 17 ? 0.313   -1.951  -8.061  1.00 47.20 ? 17  PRO A CB  1 
ATOM   120 C  CG  . PRO A 1 17 ? -0.226  -2.050  -9.455  1.00 48.07 ? 17  PRO A CG  1 
ATOM   121 C  CD  . PRO A 1 17 ? -1.695  -1.848  -9.301  1.00 49.13 ? 17  PRO A CD  1 
ATOM   122 N  N   . PRO A 1 18 ? -0.221  -1.729  -4.935  1.00 45.31 ? 18  PRO A N   1 
ATOM   123 C  CA  . PRO A 1 18 ? -0.149  -0.698  -3.890  1.00 42.26 ? 18  PRO A CA  1 
ATOM   124 C  C   . PRO A 1 18 ? 0.216   0.659   -4.490  1.00 37.99 ? 18  PRO A C   1 
ATOM   125 O  O   . PRO A 1 18 ? 0.999   0.722   -5.452  1.00 36.47 ? 18  PRO A O   1 
ATOM   126 C  CB  . PRO A 1 18 ? 1.013   -1.166  -3.031  1.00 40.00 ? 18  PRO A CB  1 
ATOM   127 C  CG  . PRO A 1 18 ? 1.024   -2.647  -3.199  1.00 48.32 ? 18  PRO A CG  1 
ATOM   128 C  CD  . PRO A 1 18 ? 0.604   -2.904  -4.621  1.00 44.71 ? 18  PRO A CD  1 
ATOM   129 N  N   . PRO A 1 19 ? -0.348  1.744   -3.940  1.00 40.15 ? 19  PRO A N   1 
ATOM   130 C  CA  . PRO A 1 19 ? 0.145   3.080   -4.283  1.00 38.22 ? 19  PRO A CA  1 
ATOM   131 C  C   . PRO A 1 19 ? 1.619   3.237   -3.914  1.00 37.27 ? 19  PRO A C   1 
ATOM   132 O  O   . PRO A 1 19 ? 2.111   2.519   -3.023  1.00 35.37 ? 19  PRO A O   1 
ATOM   133 C  CB  . PRO A 1 19 ? -0.693  3.997   -3.393  1.00 35.60 ? 19  PRO A CB  1 
ATOM   134 C  CG  . PRO A 1 19 ? -1.139  3.145   -2.263  1.00 37.95 ? 19  PRO A CG  1 
ATOM   135 C  CD  . PRO A 1 19 ? -1.392  1.807   -2.901  1.00 42.43 ? 19  PRO A CD  1 
ATOM   136 N  N   . ASN A 1 20 ? 2.300   4.146   -4.616  1.00 37.26 ? 20  ASN A N   1 
ATOM   137 C  CA  . ASN A 1 20 ? 3.662   4.537   -4.304  1.00 37.99 ? 20  ASN A CA  1 
ATOM   138 C  C   . ASN A 1 20 ? 3.693   5.747   -3.366  1.00 41.38 ? 20  ASN A C   1 
ATOM   139 O  O   . ASN A 1 20 ? 2.862   6.664   -3.493  1.00 41.66 ? 20  ASN A O   1 
ATOM   140 C  CB  . ASN A 1 20 ? 4.408   4.951   -5.568  1.00 37.65 ? 20  ASN A CB  1 
ATOM   141 C  CG  . ASN A 1 20 ? 4.707   3.797   -6.486  1.00 37.82 ? 20  ASN A CG  1 
ATOM   142 O  OD1 . ASN A 1 20 ? 5.249   2.773   -6.069  1.00 41.19 ? 20  ASN A OD1 1 
ATOM   143 N  ND2 . ASN A 1 20 ? 4.365   3.961   -7.756  1.00 37.21 ? 20  ASN A ND2 1 
ATOM   144 N  N   . CYS A 1 21 ? 4.682   5.774   -2.470  1.00 38.21 ? 21  CYS A N   1 
ATOM   145 C  CA  . CYS A 1 21 ? 4.891   6.915   -1.588  1.00 37.80 ? 21  CYS A CA  1 
ATOM   146 C  C   . CYS A 1 21 ? 5.512   8.086   -2.348  1.00 37.54 ? 21  CYS A C   1 
ATOM   147 O  O   . CYS A 1 21 ? 6.223   7.876   -3.331  1.00 37.40 ? 21  CYS A O   1 
ATOM   148 C  CB  . CYS A 1 21 ? 5.795   6.490   -0.415  1.00 34.98 ? 21  CYS A CB  1 
ATOM   149 S  SG  . CYS A 1 21 ? 7.531   6.078   -0.893  1.00 33.26 ? 21  CYS A SG  1 
ATOM   150 N  N   . LYS A 1 22 ? 5.290   9.319   -1.890  1.00 40.79 ? 22  LYS A N   1 
ATOM   151 C  CA  . LYS A 1 22 ? 5.837   10.489  -2.608  1.00 39.67 ? 22  LYS A CA  1 
ATOM   152 C  C   . LYS A 1 22 ? 7.332   10.711  -2.371  1.00 40.93 ? 22  LYS A C   1 
ATOM   153 O  O   . LYS A 1 22 ? 8.023   11.382  -3.166  1.00 39.87 ? 22  LYS A O   1 
ATOM   154 C  CB  . LYS A 1 22 ? 5.094   11.780  -2.232  1.00 38.73 ? 22  LYS A CB  1 
ATOM   155 C  CG  . LYS A 1 22 ? 3.592   11.778  -2.497  1.00 44.07 ? 22  LYS A CG  1 
ATOM   156 C  CD  . LYS A 1 22 ? 3.276   11.547  -3.967  1.00 53.21 ? 22  LYS A CD  1 
ATOM   157 C  CE  . LYS A 1 22 ? 1.773   11.326  -4.211  1.00 57.86 ? 22  LYS A CE  1 
ATOM   158 N  NZ  . LYS A 1 22 ? 1.233   10.061  -3.603  1.00 53.19 ? 22  LYS A NZ  1 
ATOM   159 N  N   . GLY A 1 23 ? 7.844   10.187  -1.262  1.00 39.46 ? 23  GLY A N   1 
ATOM   160 C  CA  . GLY A 1 23 ? 9.223   10.475  -0.889  1.00 32.65 ? 23  GLY A CA  1 
ATOM   161 C  C   . GLY A 1 23 ? 10.218  9.614   -1.647  1.00 35.99 ? 23  GLY A C   1 
ATOM   162 O  O   . GLY A 1 23 ? 11.359  10.018  -1.848  1.00 33.82 ? 23  GLY A O   1 
ATOM   163 N  N   . HIS A 1 24 ? 9.805   8.416   -2.066  1.00 35.90 ? 24  HIS A N   1 
ATOM   164 C  CA  . HIS A 1 24 ? 10.761  7.507   -2.688  1.00 35.38 ? 24  HIS A CA  1 
ATOM   165 C  C   . HIS A 1 24 ? 10.255  6.919   -3.988  1.00 36.45 ? 24  HIS A C   1 
ATOM   166 O  O   . HIS A 1 24 ? 11.033  6.308   -4.728  1.00 36.84 ? 24  HIS A O   1 
ATOM   167 C  CB  . HIS A 1 24 ? 11.133  6.384   -1.727  1.00 31.88 ? 24  HIS A CB  1 
ATOM   168 C  CG  . HIS A 1 24 ? 11.501  6.866   -0.363  1.00 33.47 ? 24  HIS A CG  1 
ATOM   169 N  ND1 . HIS A 1 24 ? 10.581  6.939   0.660   1.00 34.09 ? 24  HIS A ND1 1 
ATOM   170 C  CD2 . HIS A 1 24 ? 12.672  7.323   0.140   1.00 33.49 ? 24  HIS A CD2 1 
ATOM   171 C  CE1 . HIS A 1 24 ? 11.174  7.419   1.743   1.00 34.57 ? 24  HIS A CE1 1 
ATOM   172 N  NE2 . HIS A 1 24 ? 12.440  7.655   1.459   1.00 32.76 ? 24  HIS A NE2 1 
ATOM   173 N  N   . SER A 1 25 ? 8.958   7.102   -4.247  1.00 36.42 ? 25  SER A N   1 
ATOM   174 C  CA  . SER A 1 25 ? 8.300   6.508   -5.390  1.00 35.79 ? 25  SER A CA  1 
ATOM   175 C  C   . SER A 1 25 ? 8.495   5.000   -5.418  1.00 38.98 ? 25  SER A C   1 
ATOM   176 O  O   . SER A 1 25 ? 9.035   4.456   -6.381  1.00 42.80 ? 25  SER A O   1 
ATOM   177 C  CB  . SER A 1 25 ? 8.820   7.138   -6.655  1.00 33.56 ? 25  SER A CB  1 
ATOM   178 O  OG  . SER A 1 25 ? 8.493   8.509   -6.599  1.00 32.49 ? 25  SER A OG  1 
ATOM   179 N  N   . GLU A 1 26 ? 8.039   4.332   -4.362  1.00 37.37 ? 26  GLU A N   1 
ATOM   180 C  CA  . GLU A 1 26 ? 8.283   2.911   -4.182  1.00 35.11 ? 26  GLU A CA  1 
ATOM   181 C  C   . GLU A 1 26 ? 7.012   2.358   -3.574  1.00 36.08 ? 26  GLU A C   1 
ATOM   182 O  O   . GLU A 1 26 ? 6.258   3.117   -2.969  1.00 38.68 ? 26  GLU A O   1 
ATOM   183 C  CB  . GLU A 1 26 ? 9.474   2.696   -3.252  1.00 34.56 ? 26  GLU A CB  1 
ATOM   184 C  CG  . GLU A 1 26 ? 10.809  2.620   -3.956  1.00 32.91 ? 26  GLU A CG  1 
ATOM   185 C  CD  . GLU A 1 26 ? 11.975  2.498   -2.966  1.00 37.49 ? 26  GLU A CD  1 
ATOM   186 O  OE1 . GLU A 1 26 ? 11.725  2.417   -1.736  1.00 35.62 ? 26  GLU A OE1 1 
ATOM   187 O  OE2 . GLU A 1 26 ? 13.144  2.491   -3.416  1.00 37.60 ? 26  GLU A OE2 1 
ATOM   188 N  N   . PRO A 1 27 ? 6.733   1.056   -3.777  1.00 37.38 ? 27  PRO A N   1 
ATOM   189 C  CA  . PRO A 1 27 ? 5.440   0.524   -3.328  1.00 34.86 ? 27  PRO A CA  1 
ATOM   190 C  C   . PRO A 1 27 ? 5.307   0.685   -1.832  1.00 37.73 ? 27  PRO A C   1 
ATOM   191 O  O   . PRO A 1 27 ? 6.268   0.377   -1.126  1.00 38.76 ? 27  PRO A O   1 
ATOM   192 C  CB  . PRO A 1 27 ? 5.547   -0.960  -3.669  1.00 31.63 ? 27  PRO A CB  1 
ATOM   193 C  CG  . PRO A 1 27 ? 6.415   -0.988  -4.858  1.00 33.88 ? 27  PRO A CG  1 
ATOM   194 C  CD  . PRO A 1 27 ? 7.451   0.092   -4.636  1.00 36.23 ? 27  PRO A CD  1 
ATOM   195 N  N   . CYS A 1 28 ? 4.161   1.164   -1.353  1.00 37.18 ? 28  CYS A N   1 
ATOM   196 C  CA  . CYS A 1 28 ? 3.927   1.230   0.086   1.00 36.71 ? 28  CYS A CA  1 
ATOM   197 C  C   . CYS A 1 28 ? 3.654   -0.177  0.584   1.00 38.00 ? 28  CYS A C   1 
ATOM   198 O  O   . CYS A 1 28 ? 3.627   -1.106  -0.206  1.00 38.74 ? 28  CYS A O   1 
ATOM   199 C  CB  . CYS A 1 28 ? 2.725   2.103   0.397   1.00 36.06 ? 28  CYS A CB  1 
ATOM   200 S  SG  . CYS A 1 28 ? 2.928   3.799   -0.099  1.00 46.02 ? 28  CYS A SG  1 
ATOM   201 N  N   . VAL A 1 29 ? 3.426   -0.319  1.882   1.00 36.08 ? 29  VAL A N   1 
ATOM   202 C  CA  . VAL A 1 29 ? 3.103   -1.593  2.462   1.00 33.61 ? 29  VAL A CA  1 
ATOM   203 C  C   . VAL A 1 29 ? 1.822   -1.458  3.268   1.00 38.44 ? 29  VAL A C   1 
ATOM   204 O  O   . VAL A 1 29 ? 1.469   -0.366  3.733   1.00 38.48 ? 29  VAL A O   1 
ATOM   205 C  CB  . VAL A 1 29 ? 4.214   -2.074  3.379   1.00 39.79 ? 29  VAL A CB  1 
ATOM   206 C  CG1 . VAL A 1 29 ? 5.396   -2.565  2.546   1.00 39.05 ? 29  VAL A CG1 1 
ATOM   207 C  CG2 . VAL A 1 29 ? 4.627   -0.946  4.322   1.00 35.94 ? 29  VAL A CG2 1 
ATOM   208 N  N   . LEU A 1 30 ? 1.126   -2.585  3.425   1.00 43.30 ? 30  LEU A N   1 
ATOM   209 C  CA  . LEU A 1 30 ? -0.233  -2.600  3.957   1.00 40.04 ? 30  LEU A CA  1 
ATOM   210 C  C   . LEU A 1 30 ? -0.224  -3.100  5.376   1.00 41.28 ? 30  LEU A C   1 
ATOM   211 O  O   . LEU A 1 30 ? 0.117   -4.248  5.638   1.00 39.88 ? 30  LEU A O   1 
ATOM   212 C  CB  . LEU A 1 30 ? -1.111  -3.506  3.108   1.00 41.06 ? 30  LEU A CB  1 
ATOM   213 C  CG  . LEU A 1 30 ? -2.628  -3.536  3.383   1.00 42.10 ? 30  LEU A CG  1 
ATOM   214 C  CD1 . LEU A 1 30 ? -3.265  -2.178  3.145   1.00 41.08 ? 30  LEU A CD1 1 
ATOM   215 C  CD2 . LEU A 1 30 ? -3.328  -4.580  2.520   1.00 39.05 ? 30  LEU A CD2 1 
ATOM   216 N  N   . ARG A 1 31 ? -0.585  -2.223  6.297   1.00 42.99 ? 31  ARG A N   1 
ATOM   217 C  CA  . ARG A 1 31 ? -0.589  -2.568  7.706   1.00 44.04 ? 31  ARG A CA  1 
ATOM   218 C  C   . ARG A 1 31 ? -2.016  -2.635  8.193   1.00 40.79 ? 31  ARG A C   1 
ATOM   219 O  O   . ARG A 1 31 ? -2.957  -2.121  7.553   1.00 40.80 ? 31  ARG A O   1 
ATOM   220 C  CB  . ARG A 1 31 ? 0.233   -1.569  8.518   1.00 40.39 ? 31  ARG A CB  1 
ATOM   221 C  CG  . ARG A 1 31 ? 1.561   -1.275  7.899   1.00 39.35 ? 31  ARG A CG  1 
ATOM   222 C  CD  . ARG A 1 31 ? 2.558   -2.384  8.107   1.00 45.96 ? 31  ARG A CD  1 
ATOM   223 N  NE  . ARG A 1 31 ? 3.254   -2.263  9.403   1.00 60.52 ? 31  ARG A NE  1 
ATOM   224 C  CZ  . ARG A 1 31 ? 3.101   -3.116  10.419  1.00 62.57 ? 31  ARG A CZ  1 
ATOM   225 N  NH1 . ARG A 1 31 ? 2.281   -4.170  10.306  1.00 60.15 ? 31  ARG A NH1 1 
ATOM   226 N  NH2 . ARG A 1 31 ? 3.772   -2.920  11.543  1.00 62.43 ? 31  ARG A NH2 1 
ATOM   227 N  N   . THR A 1 32 ? -2.168  -3.285  9.328   1.00 40.75 ? 32  THR A N   1 
ATOM   228 C  CA  . THR A 1 32 ? -3.473  -3.599  9.835   1.00 41.19 ? 32  THR A CA  1 
ATOM   229 C  C   . THR A 1 32 ? -3.542  -3.104  11.265  1.00 42.82 ? 32  THR A C   1 
ATOM   230 O  O   . THR A 1 32 ? -2.607  -3.284  12.063  1.00 46.44 ? 32  THR A O   1 
ATOM   231 C  CB  . THR A 1 32 ? -3.752  -5.124  9.708   1.00 45.62 ? 32  THR A CB  1 
ATOM   232 O  OG1 . THR A 1 32 ? -3.764  -5.482  8.314   1.00 42.49 ? 32  THR A OG1 1 
ATOM   233 C  CG2 . THR A 1 32 ? -5.094  -5.500  10.320  1.00 40.27 ? 32  THR A CG2 1 
ATOM   234 N  N   . VAL A 1 33 ? -4.632  -2.433  11.588  1.00 39.97 ? 33  VAL A N   1 
ATOM   235 C  CA  . VAL A 1 33 ? -4.751  -1.875  12.912  1.00 41.61 ? 33  VAL A CA  1 
ATOM   236 C  C   . VAL A 1 33 ? -5.160  -2.973  13.892  1.00 45.18 ? 33  VAL A C   1 
ATOM   237 O  O   . VAL A 1 33 ? -6.106  -3.740  13.666  1.00 45.80 ? 33  VAL A O   1 
ATOM   238 C  CB  . VAL A 1 33 ? -5.714  -0.696  12.916  1.00 41.01 ? 33  VAL A CB  1 
ATOM   239 C  CG1 . VAL A 1 33 ? -5.292  0.299   11.854  1.00 43.12 ? 33  VAL A CG1 1 
ATOM   240 C  CG2 . VAL A 1 33 ? -7.009  -1.153  12.484  1.00 44.86 ? 33  VAL A CG2 1 
ATOM   241 N  N   . LYS A 1 34 ? -4.432  -3.047  14.988  1.00 47.44 ? 34  LYS A N   1 
ATOM   242 C  CA  . LYS A 1 34 ? -4.688  -4.064  15.959  1.00 50.13 ? 34  LYS A CA  1 
ATOM   243 C  C   . LYS A 1 34 ? -5.187  -3.432  17.238  1.00 51.45 ? 34  LYS A C   1 
ATOM   244 O  O   . LYS A 1 34 ? -5.676  -4.125  18.128  1.00 55.65 ? 34  LYS A O   1 
ATOM   245 C  CB  . LYS A 1 34 ? -3.425  -4.896  16.147  1.00 55.87 ? 34  LYS A CB  1 
ATOM   246 C  CG  . LYS A 1 34 ? -3.028  -5.623  14.840  1.00 56.48 ? 34  LYS A CG  1 
ATOM   247 C  CD  . LYS A 1 34 ? -1.550  -6.036  14.794  1.00 57.96 ? 34  LYS A CD  1 
ATOM   248 C  CE  . LYS A 1 34 ? -1.209  -6.728  13.490  1.00 56.58 ? 34  LYS A CE  1 
ATOM   249 N  NZ  . LYS A 1 34 ? -2.270  -7.732  13.098  1.00 71.26 ? 34  LYS A NZ  1 
ATOM   250 N  N   . LYS A 1 35 ? -5.092  -2.112  17.316  1.00 49.22 ? 35  LYS A N   1 
ATOM   251 C  CA  . LYS A 1 35 ? -5.762  -1.398  18.385  1.00 51.14 ? 35  LYS A CA  1 
ATOM   252 C  C   . LYS A 1 35 ? -7.242  -1.760  18.337  1.00 55.81 ? 35  LYS A C   1 
ATOM   253 O  O   . LYS A 1 35 ? -7.944  -1.471  17.362  1.00 54.53 ? 35  LYS A O   1 
ATOM   254 C  CB  . LYS A 1 35 ? -5.585  0.099   18.228  1.00 47.09 ? 35  LYS A CB  1 
ATOM   255 C  CG  . LYS A 1 35 ? -6.398  0.910   19.212  1.00 51.87 ? 35  LYS A CG  1 
ATOM   256 C  CD  . LYS A 1 35 ? -5.560  2.080   19.793  1.00 48.50 ? 35  LYS A CD  1 
ATOM   257 C  CE  . LYS A 1 35 ? -5.286  1.873   21.243  1.00 46.31 ? 35  LYS A CE  1 
ATOM   258 N  NZ  . LYS A 1 35 ? -3.823  1.981   21.558  1.00 55.12 ? 35  LYS A NZ  1 
ATOM   259 N  N   . ALA A 1 36 ? -7.710  -2.440  19.376  1.00 58.95 ? 36  ALA A N   1 
ATOM   260 C  CA  . ALA A 1 36 ? -9.126  -2.775  19.451  1.00 54.40 ? 36  ALA A CA  1 
ATOM   261 C  C   . ALA A 1 36 ? -9.877  -1.475  19.690  1.00 53.73 ? 36  ALA A C   1 
ATOM   262 O  O   . ALA A 1 36 ? -9.396  -0.570  20.383  1.00 52.34 ? 36  ALA A O   1 
ATOM   263 C  CB  . ALA A 1 36 ? -9.393  -3.777  20.565  1.00 54.89 ? 36  ALA A CB  1 
ATOM   264 N  N   . GLY A 1 37 ? -11.041 -1.374  19.075  1.00 54.09 ? 37  GLY A N   1 
ATOM   265 C  CA  . GLY A 1 37 ? -11.793 -0.142  19.072  1.00 49.23 ? 37  GLY A CA  1 
ATOM   266 C  C   . GLY A 1 37 ? -12.498 0.015   17.735  1.00 50.49 ? 37  GLY A C   1 
ATOM   267 O  O   . GLY A 1 37 ? -12.786 -0.985  17.043  1.00 48.76 ? 37  GLY A O   1 
ATOM   268 N  N   . PRO A 1 38 ? -12.767 1.275   17.347  1.00 48.71 ? 38  PRO A N   1 
ATOM   269 C  CA  . PRO A 1 38 ? -13.611 1.564   16.182  1.00 47.29 ? 38  PRO A CA  1 
ATOM   270 C  C   . PRO A 1 38 ? -12.846 1.305   14.895  1.00 42.83 ? 38  PRO A C   1 
ATOM   271 O  O   . PRO A 1 38 ? -13.425 1.148   13.833  1.00 37.08 ? 38  PRO A O   1 
ATOM   272 C  CB  . PRO A 1 38 ? -13.906 3.060   16.338  1.00 49.27 ? 38  PRO A CB  1 
ATOM   273 C  CG  . PRO A 1 38 ? -13.541 3.395   17.800  1.00 51.84 ? 38  PRO A CG  1 
ATOM   274 C  CD  . PRO A 1 38 ? -12.387 2.502   18.070  1.00 49.60 ? 38  PRO A CD  1 
ATOM   275 N  N   . ASN A 1 39 ? -11.528 1.274   15.008  1.00 43.44 ? 39  ASN A N   1 
ATOM   276 C  CA  . ASN A 1 39 ? -10.690 1.077   13.847  1.00 39.71 ? 39  ASN A CA  1 
ATOM   277 C  C   . ASN A 1 39 ? -10.187 -0.338  13.681  1.00 39.52 ? 39  ASN A C   1 
ATOM   278 O  O   . ASN A 1 39 ? -9.752  -0.678  12.605  1.00 40.36 ? 39  ASN A O   1 
ATOM   279 C  CB  . ASN A 1 39 ? -9.538  2.084   13.857  1.00 42.49 ? 39  ASN A CB  1 
ATOM   280 C  CG  . ASN A 1 39 ? -9.961  3.440   13.316  1.00 36.64 ? 39  ASN A CG  1 
ATOM   281 O  OD1 . ASN A 1 39 ? -10.585 3.530   12.247  1.00 35.05 ? 39  ASN A OD1 1 
ATOM   282 N  ND2 . ASN A 1 39 ? -9.661  4.483   14.055  1.00 31.69 ? 39  ASN A ND2 1 
ATOM   283 N  N   . CYS A 1 40 ? -10.299 -1.168  14.722  1.00 46.65 ? 40  CYS A N   1 
ATOM   284 C  CA  . CYS A 1 40 ? -9.804  -2.559  14.702  1.00 44.66 ? 40  CYS A CA  1 
ATOM   285 C  C   . CYS A 1 40 ? -10.107 -3.297  13.403  1.00 43.91 ? 40  CYS A C   1 
ATOM   286 O  O   . CYS A 1 40 ? -11.233 -3.263  12.910  1.00 41.32 ? 40  CYS A O   1 
ATOM   287 C  CB  . CYS A 1 40 ? -10.361 -3.368  15.871  1.00 49.59 ? 40  CYS A CB  1 
ATOM   288 S  SG  . CYS A 1 40 ? -9.447  -4.932  16.189  1.00 56.56 ? 40  CYS A SG  1 
ATOM   289 N  N   . GLY A 1 41 ? -9.081  -3.929  12.833  1.00 42.86 ? 41  GLY A N   1 
ATOM   290 C  CA  . GLY A 1 41 ? -9.217  -4.601  11.556  1.00 36.10 ? 41  GLY A CA  1 
ATOM   291 C  C   . GLY A 1 41 ? -9.124  -3.741  10.317  1.00 39.16 ? 41  GLY A C   1 
ATOM   292 O  O   . GLY A 1 41 ? -8.945  -4.295  9.231   1.00 37.37 ? 41  GLY A O   1 
ATOM   293 N  N   . ARG A 1 42 ? -9.236  -2.406  10.438  1.00 41.55 ? 42  ARG A N   1 
ATOM   294 C  CA  . ARG A 1 42 ? -9.097  -1.556  9.233   1.00 37.66 ? 42  ARG A CA  1 
ATOM   295 C  C   . ARG A 1 42 ? -7.685  -1.653  8.722   1.00 36.28 ? 42  ARG A C   1 
ATOM   296 O  O   . ARG A 1 42 ? -6.781  -2.008  9.470   1.00 38.53 ? 42  ARG A O   1 
ATOM   297 C  CB  . ARG A 1 42 ? -9.473  -0.110  9.487   1.00 32.25 ? 42  ARG A CB  1 
ATOM   298 C  CG  . ARG A 1 42 ? -10.960 0.095   9.665   1.00 33.87 ? 42  ARG A CG  1 
ATOM   299 C  CD  . ARG A 1 42 ? -11.340 1.559   9.830   1.00 35.92 ? 42  ARG A CD  1 
ATOM   300 N  NE  . ARG A 1 42 ? -11.153 2.315   8.590   1.00 38.79 ? 42  ARG A NE  1 
ATOM   301 C  CZ  . ARG A 1 42 ? -11.075 3.646   8.510   1.00 38.25 ? 42  ARG A CZ  1 
ATOM   302 N  NH1 . ARG A 1 42 ? -11.192 4.406   9.602   1.00 37.88 ? 42  ARG A NH1 1 
ATOM   303 N  NH2 . ARG A 1 42 ? -10.890 4.217   7.326   1.00 38.01 ? 42  ARG A NH2 1 
ATOM   304 N  N   . GLN A 1 43 ? -7.484  -1.389  7.443   1.00 36.59 ? 43  GLN A N   1 
ATOM   305 C  CA  . GLN A 1 43 ? -6.117  -1.401  6.913   1.00 38.72 ? 43  GLN A CA  1 
ATOM   306 C  C   . GLN A 1 43 ? -5.648  -0.089  6.234   1.00 36.99 ? 43  GLN A C   1 
ATOM   307 O  O   . GLN A 1 43 ? -6.459  0.736   5.787   1.00 33.86 ? 43  GLN A O   1 
ATOM   308 C  CB  . GLN A 1 43 ? -5.946  -2.594  5.985   1.00 32.77 ? 43  GLN A CB  1 
ATOM   309 C  CG  . GLN A 1 43 ? -6.143  -3.885  6.711   1.00 38.87 ? 43  GLN A CG  1 
ATOM   310 C  CD  . GLN A 1 43 ? -5.917  -5.070  5.805   1.00 42.45 ? 43  GLN A CD  1 
ATOM   311 O  OE1 . GLN A 1 43 ? -6.699  -5.306  4.862   1.00 38.43 ? 43  GLN A OE1 1 
ATOM   312 N  NE2 . GLN A 1 43 ? -4.815  -5.802  6.047   1.00 40.72 ? 43  GLN A NE2 1 
ATOM   313 N  N   . PHE A 1 44 ? -4.337  0.094   6.142   1.00 34.56 ? 44  PHE A N   1 
ATOM   314 C  CA  . PHE A 1 44 ? -3.838  1.302   5.494   1.00 35.33 ? 44  PHE A CA  1 
ATOM   315 C  C   . PHE A 1 44 ? -2.488  1.059   4.882   1.00 37.24 ? 44  PHE A C   1 
ATOM   316 O  O   . PHE A 1 44 ? -1.843  0.052   5.182   1.00 37.78 ? 44  PHE A O   1 
ATOM   317 C  CB  . PHE A 1 44 ? -3.729  2.464   6.490   1.00 36.36 ? 44  PHE A CB  1 
ATOM   318 C  CG  . PHE A 1 44 ? -2.886  2.151   7.708   1.00 36.72 ? 44  PHE A CG  1 
ATOM   319 C  CD1 . PHE A 1 44 ? -3.468  1.668   8.858   1.00 37.59 ? 44  PHE A CD1 1 
ATOM   320 C  CD2 . PHE A 1 44 ? -1.516  2.342   7.696   1.00 37.79 ? 44  PHE A CD2 1 
ATOM   321 C  CE1 . PHE A 1 44 ? -2.698  1.375   9.968   1.00 41.64 ? 44  PHE A CE1 1 
ATOM   322 C  CE2 . PHE A 1 44 ? -0.748  2.058   8.805   1.00 38.16 ? 44  PHE A CE2 1 
ATOM   323 C  CZ  . PHE A 1 44 ? -1.339  1.577   9.943   1.00 40.92 ? 44  PHE A CZ  1 
ATOM   324 N  N   . TYR A 1 45 ? -2.071  1.994   4.031   1.00 34.66 ? 45  TYR A N   1 
ATOM   325 C  CA  . TYR A 1 45 ? -0.760  1.966   3.410   1.00 35.56 ? 45  TYR A CA  1 
ATOM   326 C  C   . TYR A 1 45 ? 0.169   3.034   4.002   1.00 36.68 ? 45  TYR A C   1 
ATOM   327 O  O   . TYR A 1 45 ? -0.251  4.176   4.308   1.00 36.14 ? 45  TYR A O   1 
ATOM   328 C  CB  . TYR A 1 45 ? -0.888  2.253   1.939   1.00 35.67 ? 45  TYR A CB  1 
ATOM   329 C  CG  . TYR A 1 45 ? -1.563  1.191   1.152   1.00 37.58 ? 45  TYR A CG  1 
ATOM   330 C  CD1 . TYR A 1 45 ? -0.978  -0.048  0.994   1.00 39.19 ? 45  TYR A CD1 1 
ATOM   331 C  CD2 . TYR A 1 45 ? -2.759  1.446   0.512   1.00 40.30 ? 45  TYR A CD2 1 
ATOM   332 C  CE1 . TYR A 1 45 ? -1.589  -1.023  0.237   1.00 46.13 ? 45  TYR A CE1 1 
ATOM   333 C  CE2 . TYR A 1 45 ? -3.376  0.488   -0.262  1.00 43.72 ? 45  TYR A CE2 1 
ATOM   334 C  CZ  . TYR A 1 45 ? -2.790  -0.740  -0.398  1.00 48.59 ? 45  TYR A CZ  1 
ATOM   335 O  OH  . TYR A 1 45 ? -3.423  -1.688  -1.153  1.00 45.52 ? 45  TYR A OH  1 
ATOM   336 N  N   . VAL A 1 46 ? 1.441   2.668   4.097   1.00 33.69 ? 46  VAL A N   1 
ATOM   337 C  CA  . VAL A 1 46 ? 2.473   3.570   4.582   1.00 35.43 ? 46  VAL A CA  1 
ATOM   338 C  C   . VAL A 1 46 ? 3.777   3.274   3.854   1.00 37.87 ? 46  VAL A C   1 
ATOM   339 O  O   . VAL A 1 46 ? 3.919   2.205   3.238   1.00 36.03 ? 46  VAL A O   1 
ATOM   340 C  CB  . VAL A 1 46 ? 2.703   3.389   6.084   1.00 38.16 ? 46  VAL A CB  1 
ATOM   341 C  CG1 . VAL A 1 46 ? 1.535   3.972   6.856   1.00 37.37 ? 46  VAL A CG1 1 
ATOM   342 C  CG2 . VAL A 1 46 ? 2.905   1.896   6.432   1.00 33.60 ? 46  VAL A CG2 1 
ATOM   343 N  N   . CYS A 1 47 ? 4.720   4.212   3.906   1.00 36.08 ? 47  CYS A N   1 
ATOM   344 C  CA  . CYS A 1 47 ? 6.011   4.017   3.244   1.00 36.80 ? 47  CYS A CA  1 
ATOM   345 C  C   . CYS A 1 47 ? 6.705   2.799   3.849   1.00 34.62 ? 47  CYS A C   1 
ATOM   346 O  O   . CYS A 1 47 ? 6.542   2.542   5.025   1.00 34.80 ? 47  CYS A O   1 
ATOM   347 C  CB  . CYS A 1 47 ? 6.876   5.281   3.372   1.00 33.75 ? 47  CYS A CB  1 
ATOM   348 S  SG  . CYS A 1 47 ? 8.600   5.066   2.892   1.00 36.69 ? 47  CYS A SG  1 
ATOM   349 N  N   . ALA A 1 48 ? 7.437   2.040   3.031   1.00 36.16 ? 48  ALA A N   1 
ATOM   350 C  CA  . ALA A 1 48 ? 8.061   0.776   3.462   1.00 34.72 ? 48  ALA A CA  1 
ATOM   351 C  C   . ALA A 1 48 ? 9.487   0.941   3.986   1.00 36.03 ? 48  ALA A C   1 
ATOM   352 O  O   . ALA A 1 48 ? 10.109  -0.035  4.420   1.00 36.02 ? 48  ALA A O   1 
ATOM   353 C  CB  . ALA A 1 48 ? 8.088   -0.197  2.323   1.00 31.64 ? 48  ALA A CB  1 
ATOM   354 N  N   . ARG A 1 49 ? 10.044  2.140   3.902   1.00 33.06 ? 49  ARG A N   1 
ATOM   355 C  CA  . ARG A 1 49 ? 11.434  2.303   4.346   1.00 36.41 ? 49  ARG A CA  1 
ATOM   356 C  C   . ARG A 1 49 ? 11.540  2.132   5.861   1.00 32.81 ? 49  ARG A C   1 
ATOM   357 O  O   . ARG A 1 49 ? 10.602  2.422   6.586   1.00 33.15 ? 49  ARG A O   1 
ATOM   358 C  CB  . ARG A 1 49 ? 11.944  3.680   3.940   1.00 36.00 ? 49  ARG A CB  1 
ATOM   359 C  CG  . ARG A 1 49 ? 12.073  3.869   2.433   1.00 36.95 ? 49  ARG A CG  1 
ATOM   360 C  CD  . ARG A 1 49 ? 13.029  2.832   1.880   1.00 36.64 ? 49  ARG A CD  1 
ATOM   361 N  NE  . ARG A 1 49 ? 13.351  3.057   0.466   1.00 36.70 ? 49  ARG A NE  1 
ATOM   362 C  CZ  . ARG A 1 49 ? 14.409  3.744   0.042   1.00 36.40 ? 49  ARG A CZ  1 
ATOM   363 N  NH1 . ARG A 1 49 ? 15.237  4.307   0.914   1.00 38.78 ? 49  ARG A NH1 1 
ATOM   364 N  NH2 . ARG A 1 49 ? 14.638  3.885   -1.254  1.00 36.91 ? 49  ARG A NH2 1 
ATOM   365 N  N   . PRO A 1 50 ? 12.676  1.651   6.347   1.00 34.22 ? 50  PRO A N   1 
ATOM   366 C  CA  . PRO A 1 50 ? 12.801  1.555   7.814   1.00 36.26 ? 50  PRO A CA  1 
ATOM   367 C  C   . PRO A 1 50 ? 12.751  2.937   8.402   1.00 39.47 ? 50  PRO A C   1 
ATOM   368 O  O   . PRO A 1 50 ? 12.996  3.918   7.709   1.00 41.90 ? 50  PRO A O   1 
ATOM   369 C  CB  . PRO A 1 50 ? 14.208  1.019   8.021   1.00 32.24 ? 50  PRO A CB  1 
ATOM   370 C  CG  . PRO A 1 50 ? 14.553  0.339   6.743   1.00 40.74 ? 50  PRO A CG  1 
ATOM   371 C  CD  . PRO A 1 50 ? 13.875  1.164   5.655   1.00 36.22 ? 50  PRO A CD  1 
ATOM   372 N  N   . GLU A 1 51 ? 12.429  3.031   9.675   1.00 44.51 ? 51  GLU A N   1 
ATOM   373 C  CA  . GLU A 1 51 ? 12.450  4.319   10.367  1.00 44.14 ? 51  GLU A CA  1 
ATOM   374 C  C   . GLU A 1 51 ? 13.887  4.836   10.525  1.00 40.07 ? 51  GLU A C   1 
ATOM   375 O  O   . GLU A 1 51 ? 14.864  4.065   10.519  1.00 37.33 ? 51  GLU A O   1 
ATOM   376 C  CB  . GLU A 1 51 ? 11.814  4.138   11.740  1.00 46.23 ? 51  GLU A CB  1 
ATOM   377 C  CG  . GLU A 1 51 ? 11.317  5.399   12.367  1.00 52.86 ? 51  GLU A CG  1 
ATOM   378 C  CD  . GLU A 1 51 ? 10.195  5.120   13.352  1.00 60.66 ? 51  GLU A CD  1 
ATOM   379 O  OE1 . GLU A 1 51 ? 9.141   4.581   12.910  1.00 60.73 ? 51  GLU A OE1 1 
ATOM   380 O  OE2 . GLU A 1 51 ? 10.371  5.427   14.561  1.00 58.31 ? 51  GLU A OE2 1 
ATOM   381 N  N   . GLY A 1 52 ? 14.029  6.144   10.682  1.00 40.99 ? 52  GLY A N   1 
ATOM   382 C  CA  . GLY A 1 52 ? 15.358  6.720   10.719  1.00 36.53 ? 52  GLY A CA  1 
ATOM   383 C  C   . GLY A 1 52 ? 15.332  8.185   11.039  1.00 37.07 ? 52  GLY A C   1 
ATOM   384 O  O   . GLY A 1 52 ? 14.274  8.784   11.269  1.00 36.44 ? 52  GLY A O   1 
ATOM   385 N  N   . HIS A 1 53 ? 16.510  8.783   11.061  1.00 37.56 ? 53  HIS A N   1 
ATOM   386 C  CA  . HIS A 1 53 ? 16.599  10.164  11.483  1.00 36.03 ? 53  HIS A CA  1 
ATOM   387 C  C   . HIS A 1 53 ? 15.935  11.114  10.491  1.00 37.22 ? 53  HIS A C   1 
ATOM   388 O  O   . HIS A 1 53 ? 16.042  10.950  9.268   1.00 36.17 ? 53  HIS A O   1 
ATOM   389 C  CB  . HIS A 1 53 ? 18.054  10.561  11.734  1.00 38.05 ? 53  HIS A CB  1 
ATOM   390 C  CG  . HIS A 1 53 ? 18.193  11.824  12.525  1.00 38.62 ? 53  HIS A CG  1 
ATOM   391 N  ND1 . HIS A 1 53 ? 18.441  13.051  11.933  1.00 37.99 ? 53  HIS A ND1 1 
ATOM   392 C  CD2 . HIS A 1 53 ? 18.063  12.056  13.850  1.00 30.53 ? 53  HIS A CD2 1 
ATOM   393 C  CE1 . HIS A 1 53 ? 18.493  13.978  12.875  1.00 36.56 ? 53  HIS A CE1 1 
ATOM   394 N  NE2 . HIS A 1 53 ? 18.258  13.404  14.043  1.00 38.01 ? 53  HIS A NE2 1 
ATOM   395 N  N   . SER A 1 54 ? 15.266  12.125  11.036  1.00 37.58 ? 54  SER A N   1 
ATOM   396 C  CA  . SER A 1 54 ? 14.579  13.155  10.247  1.00 41.84 ? 54  SER A CA  1 
ATOM   397 C  C   . SER A 1 54 ? 15.439  13.768  9.107   1.00 42.32 ? 54  SER A C   1 
ATOM   398 O  O   . SER A 1 54 ? 14.911  14.236  8.105   1.00 40.74 ? 54  SER A O   1 
ATOM   399 C  CB  . SER A 1 54 ? 14.103  14.270  11.179  1.00 43.24 ? 54  SER A CB  1 
ATOM   400 O  OG  . SER A 1 54 ? 15.038  15.349  11.155  1.00 46.98 ? 54  SER A OG  1 
ATOM   401 N  N   . SER A 1 55 ? 16.759  13.760  9.295   1.00 41.94 ? 55  SER A N   1 
ATOM   402 C  CA  . SER A 1 55 ? 17.724  14.162  8.277   1.00 35.32 ? 55  SER A CA  1 
ATOM   403 C  C   . SER A 1 55 ? 17.977  13.076  7.230   1.00 35.10 ? 55  SER A C   1 
ATOM   404 O  O   . SER A 1 55 ? 18.669  13.328  6.245   1.00 37.46 ? 55  SER A O   1 
ATOM   405 C  CB  . SER A 1 55 ? 19.063  14.486  8.952   1.00 36.43 ? 55  SER A CB  1 
ATOM   406 O  OG  . SER A 1 55 ? 19.702  13.293  9.434   1.00 37.81 ? 55  SER A OG  1 
ATOM   407 N  N   . ASN A 1 56 ? 17.462  11.867  7.434   1.00 32.92 ? 56  ASN A N   1 
ATOM   408 C  CA  . ASN A 1 56 ? 17.791  10.774  6.514   1.00 36.59 ? 56  ASN A CA  1 
ATOM   409 C  C   . ASN A 1 56 ? 16.802  10.605  5.341   1.00 34.75 ? 56  ASN A C   1 
ATOM   410 O  O   . ASN A 1 56 ? 15.683  10.098  5.525   1.00 33.75 ? 56  ASN A O   1 
ATOM   411 C  CB  . ASN A 1 56 ? 17.876  9.461   7.284   1.00 34.43 ? 56  ASN A CB  1 
ATOM   412 C  CG  . ASN A 1 56 ? 18.618  8.371   6.528   1.00 34.80 ? 56  ASN A CG  1 
ATOM   413 O  OD1 . ASN A 1 56 ? 19.160  8.583   5.440   1.00 35.78 ? 56  ASN A OD1 1 
ATOM   414 N  ND2 . ASN A 1 56 ? 18.664  7.188   7.129   1.00 37.80 ? 56  ASN A ND2 1 
ATOM   415 N  N   . PRO A 1 57 ? 17.220  10.996  4.125   1.00 35.97 ? 57  PRO A N   1 
ATOM   416 C  CA  . PRO A 1 57 ? 16.263  10.871  3.011   1.00 38.78 ? 57  PRO A CA  1 
ATOM   417 C  C   . PRO A 1 57 ? 15.852  9.412   2.818   1.00 36.90 ? 57  PRO A C   1 
ATOM   418 O  O   . PRO A 1 57 ? 14.737  9.192   2.381   1.00 35.54 ? 57  PRO A O   1 
ATOM   419 C  CB  . PRO A 1 57 ? 17.039  11.371  1.779   1.00 31.49 ? 57  PRO A CB  1 
ATOM   420 C  CG  . PRO A 1 57 ? 18.370  11.746  2.244   1.00 31.73 ? 57  PRO A CG  1 
ATOM   421 C  CD  . PRO A 1 57 ? 18.586  11.269  3.652   1.00 36.04 ? 57  PRO A CD  1 
ATOM   422 N  N   . GLN A 1 58 ? 16.702  8.456   3.195   1.00 37.39 ? 58  GLN A N   1 
ATOM   423 C  CA  . GLN A 1 58 ? 16.393  7.049   2.964   1.00 37.28 ? 58  GLN A CA  1 
ATOM   424 C  C   . GLN A 1 58 ? 15.375  6.529   3.985   1.00 36.11 ? 58  GLN A C   1 
ATOM   425 O  O   . GLN A 1 58 ? 14.704  5.532   3.751   1.00 34.72 ? 58  GLN A O   1 
ATOM   426 C  CB  . GLN A 1 58 ? 17.667  6.194   2.943   1.00 37.79 ? 58  GLN A CB  1 
ATOM   427 C  CG  . GLN A 1 58 ? 18.735  6.652   1.963   1.00 41.08 ? 58  GLN A CG  1 
ATOM   428 C  CD  . GLN A 1 58 ? 18.220  6.801   0.517   1.00 47.66 ? 58  GLN A CD  1 
ATOM   429 O  OE1 . GLN A 1 58 ? 17.404  5.997   0.051   1.00 45.18 ? 58  GLN A OE1 1 
ATOM   430 N  NE2 . GLN A 1 58 ? 18.702  7.840   -0.195  1.00 47.05 ? 58  GLN A NE2 1 
ATOM   431 N  N   . ALA A 1 59 ? 15.228  7.230   5.102   1.00 36.69 ? 59  ALA A N   1 
ATOM   432 C  CA  . ALA A 1 59 ? 14.268  6.811   6.129   1.00 34.60 ? 59  ALA A CA  1 
ATOM   433 C  C   . ALA A 1 59 ? 12.831  6.927   5.624   1.00 32.63 ? 59  ALA A C   1 
ATOM   434 O  O   . ALA A 1 59 ? 12.573  7.599   4.640   1.00 33.43 ? 59  ALA A O   1 
ATOM   435 C  CB  . ALA A 1 59 ? 14.462  7.626   7.408   1.00 33.11 ? 59  ALA A CB  1 
ATOM   436 N  N   . ARG A 1 60 ? 11.904  6.250   6.295   1.00 35.07 ? 60  ARG A N   1 
ATOM   437 C  CA  . ARG A 1 60 ? 10.471  6.271   5.953   1.00 34.86 ? 60  ARG A CA  1 
ATOM   438 C  C   . ARG A 1 60 ? 9.966   7.697   5.772   1.00 35.94 ? 60  ARG A C   1 
ATOM   439 O  O   . ARG A 1 60 ? 10.418  8.578   6.482   1.00 35.15 ? 60  ARG A O   1 
ATOM   440 C  CB  . ARG A 1 60 ? 9.688   5.587   7.061   1.00 34.86 ? 60  ARG A CB  1 
ATOM   441 C  CG  . ARG A 1 60 ? 8.197   5.697   6.977   1.00 38.35 ? 60  ARG A CG  1 
ATOM   442 C  CD  . ARG A 1 60 ? 7.601   4.844   8.063   1.00 43.68 ? 60  ARG A CD  1 
ATOM   443 N  NE  . ARG A 1 60 ? 8.128   3.473   7.997   1.00 46.29 ? 60  ARG A NE  1 
ATOM   444 C  CZ  . ARG A 1 60 ? 8.317   2.671   9.050   1.00 48.49 ? 60  ARG A CZ  1 
ATOM   445 N  NH1 . ARG A 1 60 ? 8.019   3.080   10.282  1.00 47.13 ? 60  ARG A NH1 1 
ATOM   446 N  NH2 . ARG A 1 60 ? 8.811   1.447   8.867   1.00 47.97 ? 60  ARG A NH2 1 
ATOM   447 N  N   . CYS A 1 61 ? 9.062   7.917   4.806   1.00 32.77 ? 61  CYS A N   1 
ATOM   448 C  CA  . CYS A 1 61 ? 8.459   9.225   4.557   1.00 28.97 ? 61  CYS A CA  1 
ATOM   449 C  C   . CYS A 1 61 ? 7.073   9.171   5.128   1.00 30.80 ? 61  CYS A C   1 
ATOM   450 O  O   . CYS A 1 61 ? 6.689   8.153   5.674   1.00 33.64 ? 61  CYS A O   1 
ATOM   451 C  CB  . CYS A 1 61 ? 8.425   9.550   3.073   1.00 30.97 ? 61  CYS A CB  1 
ATOM   452 S  SG  . CYS A 1 61 ? 7.435   8.361   2.077   1.00 40.20 ? 61  CYS A SG  1 
ATOM   453 N  N   . ASN A 1 62 ? 6.306   10.244  4.984   1.00 33.58 ? 62  ASN A N   1 
ATOM   454 C  CA  . ASN A 1 62 ? 5.032   10.388  5.712   1.00 37.08 ? 62  ASN A CA  1 
ATOM   455 C  C   . ASN A 1 62 ? 3.744   9.911   5.027   1.00 35.75 ? 62  ASN A C   1 
ATOM   456 O  O   . ASN A 1 62 ? 2.640   10.285  5.458   1.00 34.69 ? 62  ASN A O   1 
ATOM   457 C  CB  . ASN A 1 62 ? 4.835   11.845  6.133   1.00 43.11 ? 62  ASN A CB  1 
ATOM   458 C  CG  . ASN A 1 62 ? 5.645   12.215  7.357   1.00 52.83 ? 62  ASN A CG  1 
ATOM   459 O  OD1 . ASN A 1 62 ? 5.793   11.400  8.279   1.00 58.87 ? 62  ASN A OD1 1 
ATOM   460 N  ND2 . ASN A 1 62 ? 6.162   13.467  7.395   1.00 55.55 ? 62  ASN A ND2 1 
ATOM   461 N  N   . PHE A 1 63 ? 3.868   9.122   3.965   1.00 33.09 ? 63  PHE A N   1 
ATOM   462 C  CA  . PHE A 1 63 ? 2.683   8.615   3.260   1.00 35.43 ? 63  PHE A CA  1 
ATOM   463 C  C   . PHE A 1 63 ? 1.692   7.909   4.205   1.00 36.60 ? 63  PHE A C   1 
ATOM   464 O  O   . PHE A 1 63 ? 2.075   7.159   5.123   1.00 36.02 ? 63  PHE A O   1 
ATOM   465 C  CB  . PHE A 1 63 ? 3.107   7.680   2.136   1.00 34.09 ? 63  PHE A CB  1 
ATOM   466 C  CG  . PHE A 1 63 ? 2.010   7.333   1.194   1.00 39.05 ? 63  PHE A CG  1 
ATOM   467 C  CD1 . PHE A 1 63 ? 1.715   8.153   0.109   1.00 43.63 ? 63  PHE A CD1 1 
ATOM   468 C  CD2 . PHE A 1 63 ? 1.267   6.174   1.369   1.00 40.80 ? 63  PHE A CD2 1 
ATOM   469 C  CE1 . PHE A 1 63 ? 0.693   7.823   -0.788  1.00 38.81 ? 63  PHE A CE1 1 
ATOM   470 C  CE2 . PHE A 1 63 ? 0.238   5.834   0.475   1.00 39.47 ? 63  PHE A CE2 1 
ATOM   471 C  CZ  . PHE A 1 63 ? -0.053  6.660   -0.591  1.00 38.33 ? 63  PHE A CZ  1 
ATOM   472 N  N   . PHE A 1 64 ? 0.412   8.199   4.019   1.00 36.64 ? 64  PHE A N   1 
ATOM   473 C  CA  . PHE A 1 64 ? -0.620  7.508   4.753   1.00 35.17 ? 64  PHE A CA  1 
ATOM   474 C  C   . PHE A 1 64 ? -1.847  7.462   3.873   1.00 38.42 ? 64  PHE A C   1 
ATOM   475 O  O   . PHE A 1 64 ? -2.244  8.497   3.335   1.00 38.70 ? 64  PHE A O   1 
ATOM   476 C  CB  . PHE A 1 64 ? -1.000  8.201   6.036   1.00 29.42 ? 64  PHE A CB  1 
ATOM   477 C  CG  . PHE A 1 64 ? -2.059  7.447   6.808   1.00 37.33 ? 64  PHE A CG  1 
ATOM   478 C  CD1 . PHE A 1 64 ? -1.757  6.249   7.452   1.00 38.30 ? 64  PHE A CD1 1 
ATOM   479 C  CD2 . PHE A 1 64 ? -3.372  7.884   6.838   1.00 37.61 ? 64  PHE A CD2 1 
ATOM   480 C  CE1 . PHE A 1 64 ? -2.725  5.550   8.147   1.00 34.42 ? 64  PHE A CE1 1 
ATOM   481 C  CE2 . PHE A 1 64 ? -4.343  7.169   7.536   1.00 34.92 ? 64  PHE A CE2 1 
ATOM   482 C  CZ  . PHE A 1 64 ? -4.013  6.017   8.187   1.00 31.72 ? 64  PHE A CZ  1 
ATOM   483 N  N   . LEU A 1 65 ? -2.441  6.277   3.720   1.00 34.51 ? 65  LEU A N   1 
ATOM   484 C  CA  . LEU A 1 65 ? -3.655  6.177   2.930   1.00 32.96 ? 65  LEU A CA  1 
ATOM   485 C  C   . LEU A 1 65 ? -4.541  5.027   3.413   1.00 35.12 ? 65  LEU A C   1 
ATOM   486 O  O   . LEU A 1 65 ? -4.089  3.897   3.489   1.00 34.76 ? 65  LEU A O   1 
ATOM   487 C  CB  . LEU A 1 65 ? -3.280  6.015   1.466   1.00 35.10 ? 65  LEU A CB  1 
ATOM   488 C  CG  . LEU A 1 65 ? -4.353  6.434   0.458   1.00 37.37 ? 65  LEU A CG  1 
ATOM   489 C  CD1 . LEU A 1 65 ? -4.993  5.212   -0.154  1.00 33.91 ? 65  LEU A CD1 1 
ATOM   490 C  CD2 . LEU A 1 65 ? -5.408  7.320   1.136   1.00 36.78 ? 65  LEU A CD2 1 
ATOM   491 N  N   . TRP A 1 66 ? -5.776  5.322   3.804   1.00 34.66 ? 66  TRP A N   1 
ATOM   492 C  CA  . TRP A 1 66 ? -6.654  4.274   4.281   1.00 35.92 ? 66  TRP A CA  1 
ATOM   493 C  C   . TRP A 1 66 ? -7.024  3.448   3.084   1.00 39.69 ? 66  TRP A C   1 
ATOM   494 O  O   . TRP A 1 66 ? -7.391  3.994   2.039   1.00 38.69 ? 66  TRP A O   1 
ATOM   495 C  CB  . TRP A 1 66 ? -7.954  4.835   4.827   1.00 35.46 ? 66  TRP A CB  1 
ATOM   496 C  CG  . TRP A 1 66 ? -7.868  5.372   6.185   1.00 35.99 ? 66  TRP A CG  1 
ATOM   497 C  CD1 . TRP A 1 66 ? -8.004  6.673   6.556   1.00 36.10 ? 66  TRP A CD1 1 
ATOM   498 C  CD2 . TRP A 1 66 ? -7.650  4.632   7.394   1.00 37.92 ? 66  TRP A CD2 1 
ATOM   499 N  NE1 . TRP A 1 66 ? -7.886  6.795   7.920   1.00 36.97 ? 66  TRP A NE1 1 
ATOM   500 C  CE2 . TRP A 1 66 ? -7.660  5.556   8.459   1.00 37.87 ? 66  TRP A CE2 1 
ATOM   501 C  CE3 . TRP A 1 66 ? -7.450  3.273   7.682   1.00 39.18 ? 66  TRP A CE3 1 
ATOM   502 C  CZ2 . TRP A 1 66 ? -7.470  5.167   9.791   1.00 36.90 ? 66  TRP A CZ2 1 
ATOM   503 C  CZ3 . TRP A 1 66 ? -7.252  2.886   9.005   1.00 36.14 ? 66  TRP A CZ3 1 
ATOM   504 C  CH2 . TRP A 1 66 ? -7.271  3.830   10.041  1.00 36.35 ? 66  TRP A CH2 1 
ATOM   505 N  N   . LEU A 1 67 ? -6.939  2.134   3.244   1.00 40.22 ? 67  LEU A N   1 
ATOM   506 C  CA  . LEU A 1 67 ? -7.441  1.212   2.252   1.00 40.02 ? 67  LEU A CA  1 
ATOM   507 C  C   . LEU A 1 67 ? -8.962  1.245   2.289   1.00 45.19 ? 67  LEU A C   1 
ATOM   508 O  O   . LEU A 1 67 ? -9.566  0.991   3.325   1.00 44.06 ? 67  LEU A O   1 
ATOM   509 C  CB  . LEU A 1 67 ? -6.978  -0.209  2.565   1.00 40.18 ? 67  LEU A CB  1 
ATOM   510 C  CG  . LEU A 1 67 ? -7.611  -1.186  1.575   1.00 38.65 ? 67  LEU A CG  1 
ATOM   511 C  CD1 . LEU A 1 67 ? -7.360  -0.694  0.156   1.00 45.04 ? 67  LEU A CD1 1 
ATOM   512 C  CD2 . LEU A 1 67 ? -7.061  -2.543  1.728   1.00 34.40 ? 67  LEU A CD2 1 
ATOM   513 N  N   . THR A 1 68 ? -9.585  1.557   1.161   1.00 50.14 ? 68  THR A N   1 
ATOM   514 C  CA  . THR A 1 68 ? -11.041 1.439   1.061   1.00 54.49 ? 68  THR A CA  1 
ATOM   515 C  C   . THR A 1 68 ? -11.443 0.153   0.351   1.00 57.88 ? 68  THR A C   1 
ATOM   516 O  O   . THR A 1 68 ? -12.621 -0.053  0.051   1.00 66.63 ? 68  THR A O   1 
ATOM   517 C  CB  . THR A 1 68 ? -11.658 2.620   0.310   1.00 57.65 ? 68  THR A CB  1 
ATOM   518 O  OG1 . THR A 1 68 ? -10.865 2.898   -0.852  1.00 61.89 ? 68  THR A OG1 1 
ATOM   519 C  CG2 . THR A 1 68 ? -11.710 3.872   1.221   1.00 57.06 ? 68  THR A CG2 1 
HETATM 520 ZN ZN  . ZN  B 2 .  ? 8.663   6.550   1.199   1.00 48.53 ? 101 ZN  A ZN  1 
HETATM 521 S  S   . SO4 C 3 .  ? 0.284   -6.233  9.625   1.00 75.73 ? 102 SO4 A S   1 
HETATM 522 O  O1  . SO4 C 3 .  ? 0.514   -7.141  10.756  1.00 67.98 ? 102 SO4 A O1  1 
HETATM 523 O  O2  . SO4 C 3 .  ? 1.541   -6.024  8.876   1.00 66.20 ? 102 SO4 A O2  1 
HETATM 524 O  O3  . SO4 C 3 .  ? -0.184  -4.936  10.167  1.00 59.30 ? 102 SO4 A O3  1 
HETATM 525 O  O4  . SO4 C 3 .  ? -0.706  -6.806  8.704   1.00 55.13 ? 102 SO4 A O4  1 
HETATM 526 O  O   . HOH D 4 .  ? -1.640  -6.401  6.762   1.00 44.83 ? 201 HOH A O   1 
HETATM 527 O  O   . HOH D 4 .  ? 10.063  1.813   -0.293  1.00 33.12 ? 202 HOH A O   1 
HETATM 528 O  O   . HOH D 4 .  ? 4.152   6.408   5.760   1.00 37.37 ? 203 HOH A O   1 
HETATM 529 O  O   . HOH D 4 .  ? 8.217   5.341   10.895  1.00 53.23 ? 204 HOH A O   1 
HETATM 530 O  O   . HOH D 4 .  ? 18.479  7.450   10.329  1.00 37.44 ? 205 HOH A O   1 
HETATM 531 O  O   . HOH D 4 .  ? 16.594  17.215  10.425  1.00 34.94 ? 206 HOH A O   1 
HETATM 532 O  O   . HOH D 4 .  ? 3.817   -6.811  9.966   1.00 55.69 ? 207 HOH A O   1 
HETATM 533 O  O   . HOH D 4 .  ? 7.936   2.568   0.465   1.00 34.62 ? 208 HOH A O   1 
HETATM 534 O  O   . HOH D 4 .  ? 8.815   -0.527  -1.593  1.00 36.67 ? 209 HOH A O   1 
HETATM 535 O  O   . HOH D 4 .  ? 5.451   -0.748  10.191  1.00 55.68 ? 210 HOH A O   1 
HETATM 536 O  O   . HOH D 4 .  ? -9.606  1.574   17.107  1.00 51.78 ? 211 HOH A O   1 
HETATM 537 O  O   . HOH D 4 .  ? -11.266 3.051   4.365   1.00 39.97 ? 212 HOH A O   1 
HETATM 538 O  O   . HOH D 4 .  ? -13.216 -0.353  2.843   1.00 48.65 ? 213 HOH A O   1 
HETATM 539 O  O   . HOH D 4 .  ? 11.700  0.440   10.776  1.00 40.46 ? 214 HOH A O   1 
HETATM 540 O  O   . HOH D 4 .  ? -0.455  10.509  2.184   1.00 43.01 ? 215 HOH A O   1 
HETATM 541 O  O   . HOH D 4 .  ? 2.323   -4.732  1.779   1.00 35.50 ? 216 HOH A O   1 
HETATM 542 O  O   . HOH D 4 .  ? 11.853  10.698  4.740   1.00 31.42 ? 217 HOH A O   1 
HETATM 543 O  O   . HOH D 4 .  ? 7.541   -0.019  12.326  1.00 43.42 ? 218 HOH A O   1 
# 
